data_7SN2
#
_entry.id   7SN2
#
_cell.length_a   1.00
_cell.length_b   1.00
_cell.length_c   1.00
_cell.angle_alpha   90.00
_cell.angle_beta   90.00
_cell.angle_gamma   90.00
#
_symmetry.space_group_name_H-M   'P 1'
#
loop_
_entity.id
_entity.type
_entity.pdbx_description
1 polymer 'Spike glycoprotein'
2 polymer 'neutralizing antibody C1C-A3 Fab heavy chain'
3 polymer 'neutralizing antibody C1C-A3 Fab light chain'
4 branched beta-D-mannopyranose-(1-4)-2-acetamido-2-deoxy-beta-D-glucopyranose-(1-4)-2-acetamido-2-deoxy-beta-D-glucopyranose
5 branched 2-acetamido-2-deoxy-beta-D-glucopyranose-(1-2)-alpha-D-mannopyranose-(1-3)-[2-acetamido-2-deoxy-beta-D-glucopyranose-(1-2)-alpha-D-mannopyranose-(1-6)]beta-D-mannopyranose-(1-4)-2-acetamido-2-deoxy-beta-D-glucopyranose-(1-4)-2-acetamido-2-deoxy-beta-D-glucopyranose
#
loop_
_entity_poly.entity_id
_entity_poly.type
_entity_poly.pdbx_seq_one_letter_code
_entity_poly.pdbx_strand_id
1 'polypeptide(L)'
;MFVFLVLLPLVSSQCVNLTTRTQLPPAYTNSFTRGVYYPDKVFRSSVLHSTQDLFLPFFSNVTWFHAIHVSGTNGTKRFD
NPVLPFNDGVYFASTEKSNIIRGWIFGTTLDSKTQSLLIVNNATNVVIKVCEFQFCNDPFLGVYYHKNNKSWMESEFRVY
SSANNCTFEYVSQPFLMDLEGKQGNFKNLREFVFKNIDGYFKIYSKHTPINLVRDLPQGFSALEPLVDLPIGINITRFQT
LLALHRSYLTPGDSSSGWTAGAAAYYVGYLQPRTFLLKYNENGTITDAVDCALDPLSETKCTLKSFTVEKGIYQTSNFRV
QPTESIVRFPNITNLCPFGEVFNATRFASVYAWNRKRISNCVADYSVLYNSASFSTFKCYGVSPTKLNDLCFTNVYADSF
VIRGDEVRQIAPGQTGKIADYNYKLPDDFTGCVIAWNSNNLDSKVGGNYNYLYRLFRKSNLKPFERDISTEIYQAGSTPC
NGVEGFNCYFPLQSYGFQPTNGVGYQPYRVVVLSFELLHAPATVCGPKKSTNLVKNKCVNFNFNGLTGTGVLTESNKKFL
PFQQFGRDIADTTDAVRDPQTLEILDITPCSFGGVSVITPGTNTSNQVAVLYQDVNCTEVPVAIHADQLTPTWRVYSTGS
NVFQTRAGCLIGAEHVNNSYECDIPIGAGICASYQTQTNSPGSASSVASQSIIAYTMSLGAENSVAYSNNSIAIPTNFTI
SVTTEILPVSMTKTSVDCTMYICGDSTECSNLLLQYGSFCTQLNRALTGIAVEQDKNTQEVFAQVKQIYKTPPIKDFGGF
NFSQILPDPSKPSKRSPIEDLLFNKVTLADAGFIKQYGDCLGDIAARDLICAQKFNGLTVLPPLLTDEMIAQYTSALLAG
TITSGWTFGAGPALQIPFPMQMAYRFNGIGVTQNVLYENQKLIANQFNSAIGKIQDSLSSTPSALGKLQDVVNQNAQALN
TLVKQLSSNFGAISSVLNDILSRLDPPEAEVQIDRLITGRLQSLQTYVTQQLIRAAEIRASANLAATKMSECVLGQSKRV
DFCGKGYHLMSFPQSAPHGVVFLHVTYVPAQEKNFTTAPAICHDGKAHFPREGVFVSNGTHWFVTQRNFYEPQIITTDNT
FVSGNCDVVIGIVNNTVYDPLQPELDSFKEELDKYFKNHTSPDVDLGDISGINASVVNIQKEIDRLNEVAKNLNESLIDL
QELGKYEQSGYIPEAPRDGQAYVRKDGEWVLLSTFLSAGGLNDIFEAQKIEWHEGASGENLYFQGHHHHHHHH
;
A
2 'polypeptide(L)'
;MKRGLCCVLLLCGAVFVSPSASQVQLVESGGGVVQPGRSLRLSCAASGFTFSSYGMHWVRQAPGKGLEWVAVIWYDGTNT
YYADSVKGRFTISRDNSKNTLYLQMNSLRAEDTAVYYCARDLAYRDYVWRYFDLWGRGTLVTVSGASTKGPSVFPLAPSS
KSTSGGTAALGCLVKDYFPEPVTVSWNSGALTSGVHTFPAVLQSSGLYSLSSVVTVPSSSLGTQTYICNVNHKPSNTKVD
KRVEPKSCDR
;
H
3 'polypeptide(L)'
;MKRGLCCVLLLCGAVFVSPSASEIVLTQSPATLSLSPGERATLSCRASQSVSTYLAWYQQKFGQAPRLLIYDASNRATGI
PARFSGSGSGTDFTLTISSLEPEDFAVYYCQCRSNWPPGITFGQGTRLEIKRTVAAPSVFIFPPSDEQLKSGTASVVCLL
NNFYPREAKVQWKVDNALQSGNSQESVTEQDSKDSTYSLSSTLTLSKADYEKHKVYACEVTHQGLSSPVTKSFNRGEC
;
L
#
loop_
_chem_comp.id
_chem_comp.type
_chem_comp.name
_chem_comp.formula
BMA D-saccharide, beta linking beta-D-mannopyranose 'C6 H12 O6'
MAN D-saccharide, alpha linking alpha-D-mannopyranose 'C6 H12 O6'
NAG D-saccharide, beta linking 2-acetamido-2-deoxy-beta-D-glucopyranose 'C8 H15 N O6'
#
# COMPACT_ATOMS: atom_id res chain seq x y z
N ARG A 319 -49.20 -19.03 -17.47
CA ARG A 319 -48.32 -20.19 -17.36
C ARG A 319 -46.91 -19.77 -16.96
N VAL A 320 -46.34 -18.85 -17.72
CA VAL A 320 -44.97 -18.40 -17.51
C VAL A 320 -45.03 -17.02 -16.86
N GLN A 321 -43.91 -16.57 -16.29
CA GLN A 321 -43.87 -15.37 -15.47
C GLN A 321 -42.57 -14.59 -15.71
N PRO A 322 -42.49 -13.32 -15.27
CA PRO A 322 -41.26 -12.56 -15.47
C PRO A 322 -40.02 -13.21 -14.87
N THR A 323 -38.88 -12.93 -15.52
CA THR A 323 -37.63 -13.67 -15.51
C THR A 323 -37.15 -14.24 -14.17
N GLU A 324 -37.19 -13.46 -13.10
CA GLU A 324 -36.24 -13.56 -11.99
C GLU A 324 -36.34 -14.86 -11.19
N SER A 325 -37.36 -15.69 -11.42
CA SER A 325 -37.73 -16.80 -10.54
C SER A 325 -36.83 -18.05 -10.68
N ILE A 326 -35.69 -18.00 -11.37
CA ILE A 326 -34.87 -19.19 -11.60
C ILE A 326 -34.06 -19.50 -10.33
N VAL A 327 -33.65 -20.77 -10.18
CA VAL A 327 -33.08 -21.24 -8.92
C VAL A 327 -32.18 -22.45 -9.14
N ARG A 328 -31.30 -22.68 -8.17
CA ARG A 328 -30.04 -23.42 -8.20
C ARG A 328 -29.91 -24.19 -6.87
N PHE A 329 -28.70 -24.70 -6.58
CA PHE A 329 -28.24 -25.24 -5.29
C PHE A 329 -28.93 -26.46 -4.67
N PRO A 330 -28.87 -27.62 -5.33
CA PRO A 330 -29.31 -28.84 -4.67
C PRO A 330 -28.30 -29.24 -3.58
N ASN A 331 -28.42 -28.46 -2.50
CA ASN A 331 -27.50 -28.23 -1.39
C ASN A 331 -26.77 -29.47 -0.89
N ILE A 332 -25.43 -29.35 -0.79
CA ILE A 332 -24.53 -30.37 -0.25
C ILE A 332 -23.39 -29.69 0.49
N THR A 333 -22.52 -30.50 1.14
CA THR A 333 -21.34 -30.02 1.86
C THR A 333 -20.52 -31.23 2.31
N ASN A 334 -19.20 -31.05 2.52
CA ASN A 334 -18.21 -32.04 3.00
C ASN A 334 -16.81 -31.74 2.46
N LEU A 335 -16.13 -30.74 3.02
CA LEU A 335 -14.79 -30.40 2.53
C LEU A 335 -13.80 -31.54 2.79
N CYS A 336 -12.65 -31.47 2.10
CA CYS A 336 -11.76 -32.63 1.96
C CYS A 336 -10.27 -32.40 2.26
N PRO A 337 -9.41 -33.47 2.25
CA PRO A 337 -8.05 -33.35 2.77
C PRO A 337 -7.07 -32.55 1.91
N PHE A 338 -7.22 -31.23 1.93
CA PHE A 338 -6.21 -30.31 1.39
C PHE A 338 -5.41 -29.66 2.50
N GLY A 339 -5.98 -29.51 3.69
CA GLY A 339 -5.15 -29.23 4.85
C GLY A 339 -4.18 -30.37 5.13
N GLU A 340 -4.63 -31.61 4.95
CA GLU A 340 -3.80 -32.75 5.31
C GLU A 340 -2.59 -32.91 4.40
N VAL A 341 -2.53 -32.18 3.27
CA VAL A 341 -1.35 -32.14 2.43
C VAL A 341 -0.60 -30.82 2.56
N PHE A 342 -1.31 -29.70 2.63
CA PHE A 342 -0.63 -28.42 2.79
C PHE A 342 -0.07 -28.25 4.20
N ASN A 343 -0.78 -28.77 5.21
CA ASN A 343 -0.40 -28.60 6.60
C ASN A 343 0.20 -29.87 7.20
N ALA A 344 0.94 -30.64 6.43
CA ALA A 344 1.59 -31.81 6.99
C ALA A 344 2.73 -31.36 7.91
N THR A 345 2.93 -32.10 9.00
CA THR A 345 4.04 -31.79 9.90
C THR A 345 5.39 -31.98 9.24
N ARG A 346 5.48 -32.86 8.25
CA ARG A 346 6.74 -33.12 7.56
C ARG A 346 6.47 -33.60 6.15
N PHE A 347 7.20 -33.06 5.19
CA PHE A 347 7.23 -33.54 3.82
C PHE A 347 8.48 -34.36 3.55
N ALA A 348 8.39 -35.22 2.55
CA ALA A 348 9.52 -35.94 2.03
C ALA A 348 10.29 -35.07 1.04
N SER A 349 11.52 -35.47 0.76
CA SER A 349 12.43 -34.65 -0.01
C SER A 349 12.10 -34.77 -1.50
N VAL A 350 12.93 -34.20 -2.35
CA VAL A 350 12.59 -34.09 -3.77
C VAL A 350 12.64 -35.46 -4.43
N TYR A 351 13.82 -36.11 -4.38
CA TYR A 351 13.97 -37.43 -4.98
C TYR A 351 12.93 -38.43 -4.48
N ALA A 352 12.50 -38.30 -3.23
CA ALA A 352 11.44 -39.11 -2.65
C ALA A 352 10.11 -38.38 -2.59
N TRP A 353 9.87 -37.45 -3.54
CA TRP A 353 8.70 -36.58 -3.52
C TRP A 353 7.41 -37.35 -3.25
N ASN A 354 6.63 -36.85 -2.29
CA ASN A 354 5.38 -37.49 -1.94
C ASN A 354 4.30 -37.13 -2.95
N ARG A 355 3.31 -38.01 -3.07
CA ARG A 355 2.21 -37.84 -4.00
C ARG A 355 1.03 -38.62 -3.47
N LYS A 356 -0.18 -38.13 -3.75
CA LYS A 356 -1.34 -38.86 -3.26
C LYS A 356 -2.59 -38.56 -4.09
N ARG A 357 -3.40 -39.60 -4.25
CA ARG A 357 -4.69 -39.54 -4.91
C ARG A 357 -5.72 -38.88 -4.01
N ILE A 358 -6.47 -37.94 -4.56
CA ILE A 358 -7.59 -37.30 -3.87
C ILE A 358 -8.83 -37.48 -4.75
N SER A 359 -9.89 -38.01 -4.17
CA SER A 359 -11.09 -38.30 -4.95
C SER A 359 -12.28 -38.44 -4.01
N ASN A 360 -13.47 -38.40 -4.62
CA ASN A 360 -14.75 -38.49 -3.92
C ASN A 360 -14.91 -37.34 -2.93
N CYS A 361 -14.52 -36.13 -3.35
CA CYS A 361 -14.71 -34.96 -2.51
C CYS A 361 -15.03 -33.72 -3.33
N VAL A 362 -15.56 -32.72 -2.63
CA VAL A 362 -15.63 -31.37 -3.16
C VAL A 362 -14.29 -30.69 -2.92
N ALA A 363 -13.66 -30.21 -4.00
CA ALA A 363 -12.36 -29.54 -3.93
C ALA A 363 -12.59 -28.04 -3.81
N ASP A 364 -12.59 -27.54 -2.58
CA ASP A 364 -12.83 -26.13 -2.31
C ASP A 364 -11.48 -25.43 -2.37
N TYR A 365 -11.27 -24.64 -3.42
CA TYR A 365 -10.06 -23.84 -3.57
C TYR A 365 -10.21 -22.42 -3.05
N SER A 366 -11.44 -21.95 -2.86
CA SER A 366 -11.65 -20.63 -2.26
C SER A 366 -11.03 -20.49 -0.87
N VAL A 367 -10.69 -21.60 -0.21
CA VAL A 367 -9.86 -21.54 0.99
C VAL A 367 -8.39 -21.47 0.62
N LEU A 368 -8.03 -22.02 -0.55
CA LEU A 368 -6.63 -22.07 -0.96
C LEU A 368 -6.13 -20.69 -1.36
N TYR A 369 -6.90 -19.99 -2.20
CA TYR A 369 -6.48 -18.70 -2.72
C TYR A 369 -6.20 -17.74 -1.58
N ASN A 370 -7.26 -17.48 -0.81
CA ASN A 370 -7.38 -16.39 0.14
C ASN A 370 -6.61 -16.63 1.42
N SER A 371 -6.07 -17.82 1.62
CA SER A 371 -5.11 -17.98 2.68
C SER A 371 -3.87 -17.21 2.27
N ALA A 372 -3.50 -16.21 3.07
CA ALA A 372 -2.51 -15.22 2.68
C ALA A 372 -1.14 -15.62 3.18
N SER A 373 -0.93 -16.93 3.34
CA SER A 373 0.28 -17.53 3.85
C SER A 373 1.00 -18.34 2.79
N PHE A 374 0.63 -18.17 1.52
CA PHE A 374 1.39 -18.82 0.46
C PHE A 374 2.31 -17.80 -0.15
N SER A 375 3.21 -18.30 -0.97
CA SER A 375 4.32 -17.49 -1.43
C SER A 375 4.69 -18.03 -2.82
N THR A 376 4.56 -17.22 -3.88
CA THR A 376 4.70 -17.69 -5.28
C THR A 376 3.66 -18.75 -5.72
N PHE A 377 2.38 -18.41 -5.55
CA PHE A 377 1.21 -19.21 -5.96
C PHE A 377 0.74 -18.89 -7.39
N LYS A 378 1.08 -19.75 -8.37
CA LYS A 378 0.46 -19.73 -9.70
C LYS A 378 -0.02 -21.08 -10.24
N CYS A 379 -0.97 -20.98 -11.20
CA CYS A 379 -1.62 -22.14 -11.81
C CYS A 379 -1.84 -21.86 -13.29
N TYR A 380 -1.34 -22.76 -14.13
CA TYR A 380 -1.40 -22.64 -15.59
C TYR A 380 -2.70 -23.17 -16.17
N GLY A 381 -2.90 -22.87 -17.45
CA GLY A 381 -3.85 -23.54 -18.33
C GLY A 381 -5.32 -23.23 -18.14
N VAL A 382 -5.69 -22.65 -17.00
CA VAL A 382 -7.10 -22.34 -16.72
C VAL A 382 -7.12 -21.34 -15.58
N SER A 383 -8.08 -20.44 -15.61
CA SER A 383 -8.18 -19.52 -14.49
C SER A 383 -8.73 -20.35 -13.34
N PRO A 384 -8.07 -20.43 -12.18
CA PRO A 384 -8.59 -21.26 -11.09
C PRO A 384 -9.99 -20.89 -10.63
N THR A 385 -10.30 -19.60 -10.58
CA THR A 385 -11.64 -19.18 -10.18
C THR A 385 -12.69 -19.76 -11.13
N LYS A 386 -12.41 -19.77 -12.45
CA LYS A 386 -13.26 -20.51 -13.39
C LYS A 386 -13.12 -22.02 -13.27
N LEU A 387 -12.01 -22.50 -12.68
CA LEU A 387 -11.87 -23.94 -12.45
C LEU A 387 -12.94 -24.43 -11.49
N ASN A 388 -13.25 -23.65 -10.46
CA ASN A 388 -14.11 -24.10 -9.37
C ASN A 388 -15.44 -24.66 -9.87
N ASP A 389 -15.93 -24.18 -11.01
CA ASP A 389 -17.07 -24.81 -11.65
C ASP A 389 -16.64 -26.07 -12.41
N LEU A 390 -15.63 -25.95 -13.28
CA LEU A 390 -15.12 -27.09 -14.02
C LEU A 390 -14.61 -28.19 -13.08
N CYS A 391 -15.26 -29.34 -13.08
CA CYS A 391 -14.88 -30.43 -12.17
C CYS A 391 -14.09 -31.52 -12.87
N PHE A 392 -12.92 -31.81 -12.34
CA PHE A 392 -12.05 -32.89 -12.75
C PHE A 392 -11.97 -33.95 -11.65
N THR A 393 -11.24 -35.03 -11.96
CA THR A 393 -11.13 -36.23 -11.13
C THR A 393 -9.67 -36.66 -11.14
N ASN A 394 -9.29 -37.52 -10.20
CA ASN A 394 -7.92 -38.03 -10.11
C ASN A 394 -6.91 -36.88 -10.01
N VAL A 395 -7.09 -36.14 -8.92
CA VAL A 395 -6.60 -34.81 -8.61
C VAL A 395 -5.08 -34.76 -8.38
N TYR A 396 -4.38 -35.91 -8.46
CA TYR A 396 -3.25 -36.29 -7.63
C TYR A 396 -2.29 -35.14 -7.35
N ALA A 397 -1.94 -34.94 -6.08
CA ALA A 397 -1.15 -33.77 -5.69
C ALA A 397 0.10 -34.20 -4.95
N ASP A 398 1.11 -33.33 -4.97
CA ASP A 398 2.47 -33.65 -4.56
C ASP A 398 2.79 -33.05 -3.20
N SER A 399 4.00 -33.33 -2.72
CA SER A 399 4.57 -32.64 -1.56
C SER A 399 6.08 -32.84 -1.57
N PHE A 400 6.83 -31.75 -1.57
CA PHE A 400 8.30 -31.79 -1.48
C PHE A 400 8.80 -30.40 -1.13
N VAL A 401 10.12 -30.20 -1.15
CA VAL A 401 10.74 -28.94 -0.74
C VAL A 401 11.93 -28.65 -1.65
N ILE A 402 12.16 -27.37 -1.94
CA ILE A 402 13.15 -26.95 -2.94
C ILE A 402 14.01 -25.82 -2.36
N ARG A 403 15.17 -25.60 -3.00
CA ARG A 403 16.03 -24.47 -2.68
C ARG A 403 15.31 -23.17 -2.99
N GLY A 404 15.70 -22.10 -2.27
CA GLY A 404 15.01 -20.83 -2.42
C GLY A 404 14.96 -20.32 -3.85
N ASP A 405 16.11 -20.28 -4.53
CA ASP A 405 16.15 -19.74 -5.88
C ASP A 405 15.31 -20.57 -6.85
N GLU A 406 15.40 -21.89 -6.75
CA GLU A 406 14.93 -22.85 -7.73
C GLU A 406 13.40 -22.87 -7.90
N VAL A 407 12.64 -22.10 -7.10
CA VAL A 407 11.18 -22.24 -7.06
C VAL A 407 10.56 -22.05 -8.45
N ARG A 408 10.96 -21.00 -9.15
CA ARG A 408 10.38 -20.71 -10.46
C ARG A 408 10.59 -21.86 -11.44
N GLN A 409 11.69 -22.61 -11.30
CA GLN A 409 12.07 -23.59 -12.31
C GLN A 409 11.11 -24.78 -12.37
N ILE A 410 10.18 -24.92 -11.45
CA ILE A 410 9.17 -25.98 -11.50
C ILE A 410 8.02 -25.41 -12.31
N ALA A 411 8.12 -25.57 -13.63
CA ALA A 411 7.15 -25.01 -14.57
C ALA A 411 7.20 -25.85 -15.84
N PRO A 412 6.16 -25.79 -16.67
CA PRO A 412 6.20 -26.58 -17.92
C PRO A 412 7.32 -26.12 -18.84
N GLY A 413 7.98 -27.09 -19.45
CA GLY A 413 9.00 -26.80 -20.47
C GLY A 413 10.10 -25.87 -20.01
N GLN A 414 10.62 -26.07 -18.80
CA GLN A 414 11.67 -25.24 -18.25
C GLN A 414 12.90 -26.08 -17.96
N THR A 415 14.07 -25.47 -18.17
CA THR A 415 15.36 -26.12 -17.96
C THR A 415 15.82 -25.87 -16.52
N GLY A 416 17.07 -26.23 -16.24
CA GLY A 416 17.71 -25.99 -14.96
C GLY A 416 18.37 -27.22 -14.40
N LYS A 417 18.27 -27.41 -13.08
CA LYS A 417 18.85 -28.55 -12.39
C LYS A 417 17.81 -29.56 -11.94
N ILE A 418 16.71 -29.09 -11.36
CA ILE A 418 15.61 -29.98 -11.00
C ILE A 418 14.97 -30.55 -12.25
N ALA A 419 14.84 -29.73 -13.30
CA ALA A 419 14.11 -30.11 -14.51
C ALA A 419 14.69 -31.34 -15.19
N ASP A 420 15.95 -31.67 -14.92
CA ASP A 420 16.62 -32.81 -15.55
C ASP A 420 16.68 -34.03 -14.64
N TYR A 421 17.06 -33.85 -13.37
CA TYR A 421 17.56 -34.94 -12.54
C TYR A 421 16.72 -35.21 -11.31
N ASN A 422 15.78 -34.33 -10.94
CA ASN A 422 15.00 -34.50 -9.72
C ASN A 422 13.50 -34.45 -9.97
N TYR A 423 13.07 -33.71 -10.98
CA TYR A 423 11.65 -33.59 -11.29
C TYR A 423 11.47 -33.00 -12.69
N LYS A 424 10.64 -33.62 -13.53
CA LYS A 424 10.25 -33.01 -14.80
C LYS A 424 8.73 -32.90 -14.83
N LEU A 425 8.25 -31.69 -14.98
CA LEU A 425 6.84 -31.45 -15.15
C LEU A 425 6.43 -31.77 -16.59
N PRO A 426 5.36 -32.55 -16.82
CA PRO A 426 4.89 -32.73 -18.20
C PRO A 426 4.57 -31.40 -18.86
N ASP A 427 4.90 -31.31 -20.15
CA ASP A 427 4.63 -30.09 -20.90
C ASP A 427 3.16 -30.01 -21.30
N ASP A 428 2.72 -28.80 -21.63
CA ASP A 428 1.30 -28.47 -21.80
C ASP A 428 0.50 -28.87 -20.55
N PHE A 429 1.15 -28.78 -19.39
CA PHE A 429 0.52 -29.11 -18.12
C PHE A 429 -0.49 -28.06 -17.71
N THR A 430 -1.76 -28.45 -17.62
CA THR A 430 -2.81 -27.60 -17.05
C THR A 430 -3.08 -28.12 -15.65
N GLY A 431 -2.32 -27.60 -14.70
CA GLY A 431 -2.44 -27.93 -13.29
C GLY A 431 -2.01 -26.74 -12.48
N CYS A 432 -1.70 -26.96 -11.20
CA CYS A 432 -1.25 -25.88 -10.32
C CYS A 432 0.09 -26.23 -9.69
N VAL A 433 0.89 -25.19 -9.48
CA VAL A 433 2.09 -25.23 -8.64
C VAL A 433 1.89 -24.24 -7.51
N ILE A 434 1.86 -24.74 -6.28
CA ILE A 434 1.66 -23.88 -5.12
C ILE A 434 2.86 -24.14 -4.26
N ALA A 435 3.53 -23.08 -3.84
CA ALA A 435 4.74 -23.26 -3.08
C ALA A 435 4.70 -22.25 -1.97
N TRP A 436 5.73 -22.31 -1.15
CA TRP A 436 5.88 -21.26 -0.17
C TRP A 436 7.19 -21.38 0.56
N ASN A 437 7.51 -20.26 1.14
CA ASN A 437 8.33 -20.10 2.32
C ASN A 437 7.75 -20.57 3.64
N SER A 438 8.65 -21.27 4.36
CA SER A 438 8.35 -22.02 5.58
C SER A 438 9.40 -21.90 6.69
N ASN A 439 10.30 -20.92 6.66
CA ASN A 439 11.56 -21.05 7.40
C ASN A 439 11.35 -21.28 8.90
N ASN A 440 10.20 -20.86 9.41
CA ASN A 440 9.91 -20.94 10.84
C ASN A 440 9.91 -22.36 11.39
N LEU A 441 9.69 -23.41 10.56
CA LEU A 441 9.67 -24.78 11.09
C LEU A 441 10.64 -25.73 10.39
N ASP A 442 10.87 -25.59 9.09
CA ASP A 442 11.74 -26.52 8.37
C ASP A 442 13.21 -26.13 8.48
N SER A 443 13.70 -25.98 9.71
CA SER A 443 15.09 -25.63 9.95
C SER A 443 15.35 -25.71 11.45
N LYS A 444 16.63 -25.68 11.80
CA LYS A 444 17.07 -25.65 13.19
C LYS A 444 18.50 -25.10 13.20
N VAL A 445 18.98 -24.79 14.40
CA VAL A 445 20.35 -24.34 14.57
C VAL A 445 21.28 -25.38 13.96
N GLY A 446 22.08 -24.96 12.98
CA GLY A 446 22.96 -25.84 12.26
C GLY A 446 22.34 -26.52 11.05
N GLY A 447 21.03 -26.39 10.85
CA GLY A 447 20.36 -26.96 9.69
C GLY A 447 19.72 -28.30 9.93
N ASN A 448 18.53 -28.51 9.36
CA ASN A 448 17.79 -29.76 9.49
C ASN A 448 18.11 -30.61 8.27
N TYR A 449 19.10 -31.49 8.42
CA TYR A 449 19.58 -32.35 7.33
C TYR A 449 18.67 -33.57 7.15
N ASN A 450 17.42 -33.29 6.79
CA ASN A 450 16.40 -34.31 6.54
C ASN A 450 15.89 -34.27 5.11
N TYR A 451 16.57 -33.54 4.21
CA TYR A 451 16.13 -33.37 2.83
C TYR A 451 17.34 -33.46 1.92
N LEU A 452 17.23 -34.27 0.86
CA LEU A 452 18.34 -34.50 -0.06
C LEU A 452 17.84 -34.43 -1.49
N TYR A 453 18.78 -34.22 -2.41
CA TYR A 453 18.49 -34.05 -3.82
C TYR A 453 19.59 -34.72 -4.65
N ARG A 454 19.23 -35.04 -5.88
CA ARG A 454 20.09 -35.80 -6.78
C ARG A 454 20.87 -34.84 -7.66
N LEU A 455 22.13 -35.19 -7.94
CA LEU A 455 22.99 -34.41 -8.80
C LEU A 455 23.27 -35.04 -10.15
N PHE A 456 23.23 -36.37 -10.23
CA PHE A 456 23.56 -37.11 -11.44
C PHE A 456 22.41 -38.04 -11.84
N ARG A 457 22.35 -38.31 -13.14
CA ARG A 457 21.48 -39.34 -13.71
C ARG A 457 21.84 -39.46 -15.18
N LYS A 458 21.50 -40.60 -15.76
CA LYS A 458 21.97 -40.90 -17.10
C LYS A 458 21.33 -40.00 -18.15
N SER A 459 20.05 -39.66 -17.99
CA SER A 459 19.37 -38.82 -18.96
C SER A 459 18.30 -38.01 -18.25
N ASN A 460 17.42 -37.40 -19.04
CA ASN A 460 16.28 -36.65 -18.53
C ASN A 460 15.26 -37.59 -17.90
N LEU A 461 14.37 -37.00 -17.10
CA LEU A 461 13.30 -37.74 -16.47
C LEU A 461 12.03 -37.69 -17.32
N LYS A 462 11.21 -38.71 -17.17
CA LYS A 462 9.88 -38.76 -17.75
C LYS A 462 8.95 -37.88 -16.92
N PRO A 463 7.68 -37.72 -17.31
CA PRO A 463 6.75 -36.96 -16.46
C PRO A 463 6.23 -37.79 -15.29
N PHE A 464 6.37 -37.25 -14.07
CA PHE A 464 5.74 -37.81 -12.88
C PHE A 464 6.21 -39.23 -12.58
N GLU A 465 7.53 -39.40 -12.47
CA GLU A 465 8.10 -40.66 -12.05
C GLU A 465 9.25 -40.39 -11.09
N ARG A 466 9.56 -41.40 -10.30
CA ARG A 466 10.48 -41.33 -9.18
C ARG A 466 11.61 -42.33 -9.36
N ASP A 467 12.79 -42.00 -8.84
CA ASP A 467 13.84 -42.99 -8.69
C ASP A 467 14.61 -42.73 -7.40
N ILE A 468 14.63 -43.74 -6.54
CA ILE A 468 15.41 -43.76 -5.31
C ILE A 468 16.34 -44.97 -5.41
N SER A 469 17.64 -44.73 -5.37
CA SER A 469 18.55 -45.82 -5.68
C SER A 469 19.97 -45.45 -5.28
N THR A 470 20.76 -46.48 -4.98
CA THR A 470 22.17 -46.36 -4.67
C THR A 470 23.06 -46.63 -5.88
N GLU A 471 22.46 -46.82 -7.06
CA GLU A 471 23.23 -46.87 -8.29
C GLU A 471 23.75 -45.47 -8.61
N ILE A 472 25.00 -45.38 -9.06
CA ILE A 472 25.69 -44.09 -9.13
C ILE A 472 26.19 -43.89 -10.56
N TYR A 473 26.39 -42.62 -10.90
CA TYR A 473 27.09 -42.23 -12.12
C TYR A 473 28.56 -42.62 -12.06
N GLN A 474 29.13 -42.84 -13.25
CA GLN A 474 30.57 -43.09 -13.40
C GLN A 474 31.11 -42.02 -14.35
N ALA A 475 31.71 -40.98 -13.78
CA ALA A 475 32.29 -39.91 -14.59
C ALA A 475 33.39 -40.45 -15.50
N GLY A 476 34.25 -41.31 -14.97
CA GLY A 476 35.32 -41.93 -15.72
C GLY A 476 34.86 -43.18 -16.43
N SER A 477 35.80 -44.10 -16.61
CA SER A 477 35.56 -45.38 -17.28
C SER A 477 35.32 -46.51 -16.27
N THR A 478 36.17 -46.64 -15.28
CA THR A 478 36.07 -47.73 -14.33
C THR A 478 34.82 -47.54 -13.45
N PRO A 479 33.88 -48.50 -13.40
CA PRO A 479 32.71 -48.31 -12.53
C PRO A 479 33.11 -48.23 -11.07
N CYS A 480 32.34 -47.44 -10.32
CA CYS A 480 32.47 -47.38 -8.87
C CYS A 480 31.62 -48.49 -8.26
N ASN A 481 32.26 -49.44 -7.59
CA ASN A 481 31.58 -50.61 -7.05
C ASN A 481 30.96 -50.28 -5.69
N GLY A 482 29.97 -49.40 -5.72
CA GLY A 482 29.12 -49.14 -4.57
C GLY A 482 29.70 -48.22 -3.51
N VAL A 483 30.98 -48.40 -3.19
CA VAL A 483 31.63 -47.62 -2.14
C VAL A 483 32.09 -46.29 -2.73
N GLU A 484 31.67 -45.19 -2.11
CA GLU A 484 32.04 -43.87 -2.58
C GLU A 484 33.57 -43.72 -2.61
N GLY A 485 34.06 -43.02 -3.62
CA GLY A 485 35.46 -42.73 -3.78
C GLY A 485 35.68 -41.31 -4.25
N PHE A 486 36.87 -41.00 -4.76
CA PHE A 486 37.17 -39.63 -5.14
C PHE A 486 36.27 -39.14 -6.27
N ASN A 487 35.80 -40.03 -7.16
CA ASN A 487 34.94 -39.65 -8.27
C ASN A 487 33.68 -40.50 -8.41
N CYS A 488 33.32 -41.30 -7.40
CA CYS A 488 32.05 -42.02 -7.49
C CYS A 488 30.88 -41.06 -7.68
N TYR A 489 30.87 -39.95 -6.95
CA TYR A 489 29.75 -39.00 -6.96
C TYR A 489 28.44 -39.66 -6.54
N PHE A 490 28.45 -40.20 -5.30
CA PHE A 490 27.30 -40.75 -4.60
C PHE A 490 26.08 -39.84 -4.80
N PRO A 491 24.97 -40.35 -5.33
CA PRO A 491 23.99 -39.49 -6.02
C PRO A 491 23.42 -38.37 -5.17
N LEU A 492 23.18 -38.62 -3.89
CA LEU A 492 22.36 -37.75 -3.06
C LEU A 492 23.26 -36.80 -2.28
N GLN A 493 22.91 -35.51 -2.29
CA GLN A 493 23.56 -34.51 -1.46
C GLN A 493 22.46 -33.70 -0.80
N SER A 494 22.74 -33.20 0.40
CA SER A 494 21.71 -32.57 1.21
C SER A 494 21.77 -31.05 1.09
N TYR A 495 20.62 -30.44 1.28
CA TYR A 495 20.53 -28.99 1.40
C TYR A 495 21.09 -28.55 2.75
N GLY A 496 21.91 -27.51 2.73
CA GLY A 496 22.28 -26.87 3.98
C GLY A 496 21.46 -25.62 4.17
N PHE A 497 20.48 -25.71 5.07
CA PHE A 497 19.59 -24.61 5.42
C PHE A 497 20.00 -24.04 6.76
N GLN A 498 20.06 -22.72 6.84
CA GLN A 498 20.39 -21.99 8.06
C GLN A 498 19.27 -21.03 8.42
N PRO A 499 18.91 -20.87 9.72
CA PRO A 499 17.91 -19.85 10.07
C PRO A 499 18.30 -18.40 9.81
N THR A 500 19.51 -18.15 9.30
CA THR A 500 20.00 -16.82 8.99
C THR A 500 20.37 -16.63 7.53
N ASN A 501 20.44 -17.69 6.74
CA ASN A 501 20.88 -17.59 5.35
C ASN A 501 19.93 -16.71 4.54
N GLY A 502 20.38 -16.37 3.34
CA GLY A 502 19.70 -15.38 2.52
C GLY A 502 18.37 -15.87 1.98
N VAL A 503 17.63 -14.90 1.42
CA VAL A 503 16.27 -15.19 0.95
C VAL A 503 16.29 -16.23 -0.17
N GLY A 504 17.22 -16.07 -1.12
CA GLY A 504 17.38 -17.03 -2.20
C GLY A 504 17.72 -18.44 -1.76
N TYR A 505 18.17 -18.62 -0.51
CA TYR A 505 18.56 -19.92 0.01
C TYR A 505 17.59 -20.48 1.05
N GLN A 506 16.42 -19.87 1.22
CA GLN A 506 15.48 -20.38 2.21
C GLN A 506 14.88 -21.69 1.74
N PRO A 507 14.44 -22.56 2.67
CA PRO A 507 13.77 -23.80 2.28
C PRO A 507 12.33 -23.53 1.87
N TYR A 508 12.03 -23.66 0.57
CA TYR A 508 10.69 -23.42 0.07
C TYR A 508 9.94 -24.75 -0.01
N ARG A 509 9.07 -24.95 0.97
CA ARG A 509 8.18 -26.09 1.04
C ARG A 509 7.08 -25.92 -0.02
N VAL A 510 7.01 -26.86 -0.96
CA VAL A 510 6.15 -26.72 -2.13
C VAL A 510 5.31 -27.97 -2.37
N VAL A 511 4.14 -27.75 -3.00
CA VAL A 511 3.30 -28.81 -3.53
C VAL A 511 2.95 -28.49 -4.98
N VAL A 512 2.33 -29.46 -5.63
CA VAL A 512 1.87 -29.34 -7.02
C VAL A 512 0.64 -30.21 -7.15
N LEU A 513 -0.39 -29.69 -7.80
CA LEU A 513 -1.54 -30.47 -8.20
C LEU A 513 -1.58 -30.61 -9.72
N SER A 514 -2.07 -31.76 -10.16
CA SER A 514 -2.37 -32.03 -11.55
C SER A 514 -3.80 -32.54 -11.63
N PHE A 515 -4.48 -32.18 -12.70
CA PHE A 515 -5.90 -32.50 -12.85
C PHE A 515 -5.99 -33.38 -14.08
N GLU A 516 -5.86 -34.68 -13.86
CA GLU A 516 -5.83 -35.68 -14.91
C GLU A 516 -7.15 -36.43 -14.88
N LEU A 517 -7.99 -36.20 -15.89
CA LEU A 517 -9.18 -37.02 -16.11
C LEU A 517 -8.81 -37.90 -17.29
N LEU A 518 -8.26 -39.07 -16.98
CA LEU A 518 -7.77 -40.00 -17.99
C LEU A 518 -8.93 -40.88 -18.45
N HIS A 519 -9.76 -40.29 -19.32
CA HIS A 519 -10.89 -40.96 -19.98
C HIS A 519 -11.66 -41.86 -19.01
N ALA A 520 -12.12 -41.24 -17.92
CA ALA A 520 -12.48 -41.96 -16.70
C ALA A 520 -13.89 -41.53 -16.28
N PRO A 521 -14.91 -42.35 -16.52
CA PRO A 521 -16.26 -42.01 -16.05
C PRO A 521 -16.33 -41.89 -14.54
N ALA A 522 -17.48 -41.41 -14.08
CA ALA A 522 -17.78 -41.22 -12.66
C ALA A 522 -16.76 -40.27 -12.00
N THR A 523 -16.71 -39.05 -12.54
CA THR A 523 -15.91 -38.01 -11.93
C THR A 523 -16.50 -37.60 -10.59
N VAL A 524 -15.72 -36.83 -9.83
CA VAL A 524 -16.13 -36.28 -8.54
C VAL A 524 -15.89 -34.77 -8.58
N CYS A 525 -16.94 -33.99 -8.30
CA CYS A 525 -16.93 -32.57 -8.62
C CYS A 525 -16.73 -31.72 -7.37
N GLY A 526 -16.77 -30.39 -7.57
CA GLY A 526 -16.42 -29.44 -6.53
C GLY A 526 -17.57 -28.56 -6.04
N PRO A 527 -17.25 -27.49 -5.31
CA PRO A 527 -18.30 -26.59 -4.80
C PRO A 527 -19.00 -25.78 -5.88
N LYS A 528 -20.19 -25.28 -5.51
CA LYS A 528 -20.82 -24.15 -6.21
C LYS A 528 -21.64 -23.40 -5.15
N LYS A 529 -21.07 -22.31 -4.64
CA LYS A 529 -21.27 -21.88 -3.26
C LYS A 529 -22.68 -21.85 -2.63
N SER A 530 -23.63 -21.07 -3.17
CA SER A 530 -24.97 -21.06 -2.57
C SER A 530 -26.04 -20.36 -3.43
N THR A 531 -27.27 -20.24 -2.89
CA THR A 531 -28.13 -19.05 -2.92
C THR A 531 -29.38 -19.36 -2.08
N ASN A 532 -30.17 -18.33 -1.73
CA ASN A 532 -31.20 -18.41 -0.70
C ASN A 532 -32.61 -18.38 -1.32
N LEU A 533 -33.41 -19.39 -1.00
CA LEU A 533 -34.67 -19.65 -1.72
C LEU A 533 -35.67 -18.52 -1.53
N VAL A 534 -36.52 -18.35 -2.54
CA VAL A 534 -37.74 -17.55 -2.44
C VAL A 534 -38.89 -18.39 -2.99
N LYS A 535 -39.91 -18.59 -2.17
CA LYS A 535 -40.97 -19.56 -2.38
C LYS A 535 -42.22 -18.88 -2.96
N ASN A 536 -43.24 -19.69 -3.25
CA ASN A 536 -44.53 -19.22 -3.77
C ASN A 536 -44.40 -18.51 -5.12
N LYS A 537 -43.51 -19.01 -5.96
CA LYS A 537 -43.36 -18.53 -7.33
C LYS A 537 -43.11 -19.74 -8.21
N CYS A 538 -44.01 -19.92 -9.18
CA CYS A 538 -44.21 -21.16 -9.92
C CYS A 538 -43.21 -21.36 -11.06
N VAL A 539 -43.48 -22.42 -11.83
CA VAL A 539 -42.94 -22.79 -13.16
C VAL A 539 -41.45 -22.58 -13.49
N ASN A 540 -40.64 -21.97 -12.62
CA ASN A 540 -39.23 -21.74 -12.91
C ASN A 540 -38.38 -22.39 -11.84
N PHE A 541 -37.29 -23.01 -12.27
CA PHE A 541 -36.50 -23.90 -11.43
C PHE A 541 -35.02 -23.54 -11.49
N GLN B 23 9.91 3.90 -20.74
CA GLN B 23 8.45 3.93 -21.04
C GLN B 23 7.64 3.10 -20.01
N VAL B 24 8.31 2.51 -19.02
CA VAL B 24 7.63 1.62 -18.09
C VAL B 24 6.95 2.48 -17.04
N GLN B 25 5.69 2.82 -17.30
CA GLN B 25 4.96 3.72 -16.43
C GLN B 25 3.47 3.39 -16.43
N LEU B 26 2.80 3.97 -15.44
CA LEU B 26 1.36 4.08 -15.37
C LEU B 26 1.02 5.55 -15.30
N VAL B 27 -0.07 5.95 -15.95
CA VAL B 27 -0.61 7.30 -15.81
C VAL B 27 -2.10 7.15 -15.53
N GLU B 28 -2.55 7.70 -14.42
CA GLU B 28 -3.94 7.64 -14.04
C GLU B 28 -4.76 8.65 -14.86
N SER B 29 -6.08 8.65 -14.66
CA SER B 29 -6.96 9.55 -15.39
C SER B 29 -8.36 9.48 -14.80
N GLY B 30 -9.09 10.59 -14.91
CA GLY B 30 -10.45 10.69 -14.42
C GLY B 30 -10.65 11.45 -13.12
N GLY B 31 -9.62 12.17 -12.64
CA GLY B 31 -9.76 12.91 -11.40
C GLY B 31 -10.85 13.96 -11.48
N GLY B 32 -11.59 14.12 -10.39
CA GLY B 32 -12.72 15.02 -10.48
C GLY B 32 -13.42 15.22 -9.16
N VAL B 33 -14.59 15.86 -9.27
CA VAL B 33 -15.47 16.14 -8.15
C VAL B 33 -16.85 15.61 -8.49
N VAL B 34 -17.53 15.02 -7.51
CA VAL B 34 -18.89 14.51 -7.72
C VAL B 34 -19.68 14.64 -6.42
N GLN B 35 -20.99 14.68 -6.52
CA GLN B 35 -21.84 14.77 -5.33
C GLN B 35 -21.91 13.42 -4.63
N PRO B 36 -22.22 13.38 -3.34
CA PRO B 36 -22.49 12.09 -2.70
C PRO B 36 -23.69 11.39 -3.36
N GLY B 37 -23.64 10.06 -3.36
CA GLY B 37 -24.72 9.25 -3.86
C GLY B 37 -24.66 8.99 -5.36
N ARG B 38 -23.92 9.80 -6.10
CA ARG B 38 -23.71 9.61 -7.54
C ARG B 38 -22.48 8.75 -7.75
N SER B 39 -22.03 8.62 -9.00
CA SER B 39 -20.94 7.72 -9.36
C SER B 39 -19.93 8.42 -10.24
N LEU B 40 -18.71 7.88 -10.22
CA LEU B 40 -17.62 8.26 -11.11
C LEU B 40 -16.83 7.00 -11.45
N ARG B 41 -16.19 7.01 -12.61
CA ARG B 41 -15.34 5.90 -13.05
C ARG B 41 -14.02 6.46 -13.51
N LEU B 42 -12.93 5.87 -13.02
CA LEU B 42 -11.58 6.30 -13.35
C LEU B 42 -10.96 5.31 -14.32
N SER B 43 -9.76 5.66 -14.79
CA SER B 43 -9.00 4.81 -15.69
C SER B 43 -7.52 4.98 -15.36
N CYS B 44 -6.75 3.92 -15.56
CA CYS B 44 -5.30 3.98 -15.51
C CYS B 44 -4.75 3.44 -16.81
N ALA B 45 -3.87 4.22 -17.44
CA ALA B 45 -3.17 3.84 -18.66
C ALA B 45 -1.85 3.18 -18.29
N ALA B 46 -1.56 2.05 -18.92
CA ALA B 46 -0.34 1.29 -18.70
C ALA B 46 0.54 1.38 -19.93
N SER B 47 1.85 1.27 -19.74
CA SER B 47 2.72 1.37 -20.90
C SER B 47 4.14 0.94 -20.53
N GLY B 48 4.80 0.27 -21.47
CA GLY B 48 6.15 -0.23 -21.30
C GLY B 48 6.26 -1.68 -20.90
N PHE B 49 5.13 -2.35 -20.64
CA PHE B 49 5.14 -3.71 -20.12
C PHE B 49 3.92 -4.46 -20.63
N THR B 50 3.91 -5.77 -20.38
CA THR B 50 2.79 -6.62 -20.76
C THR B 50 1.66 -6.44 -19.74
N PHE B 51 0.55 -5.86 -20.18
CA PHE B 51 -0.54 -5.55 -19.26
C PHE B 51 -1.16 -6.83 -18.69
N SER B 52 -1.40 -7.83 -19.53
CA SER B 52 -2.18 -9.00 -19.16
C SER B 52 -1.36 -10.06 -18.42
N SER B 53 -0.17 -9.73 -17.95
CA SER B 53 0.66 -10.67 -17.20
C SER B 53 0.84 -10.31 -15.74
N TYR B 54 0.46 -9.10 -15.32
CA TYR B 54 0.59 -8.63 -13.95
C TYR B 54 -0.77 -8.26 -13.38
N GLY B 55 -0.91 -8.40 -12.07
CA GLY B 55 -2.10 -7.94 -11.39
C GLY B 55 -2.04 -6.44 -11.14
N MET B 56 -3.22 -5.85 -10.96
CA MET B 56 -3.33 -4.41 -10.73
C MET B 56 -4.15 -4.14 -9.48
N HIS B 57 -3.75 -3.09 -8.76
CA HIS B 57 -4.43 -2.68 -7.54
C HIS B 57 -4.85 -1.22 -7.67
N TRP B 58 -5.82 -0.84 -6.85
CA TRP B 58 -6.18 0.56 -6.62
C TRP B 58 -6.02 0.84 -5.15
N VAL B 59 -5.14 1.80 -4.82
CA VAL B 59 -4.88 2.25 -3.46
C VAL B 59 -5.27 3.72 -3.38
N ARG B 60 -6.00 4.09 -2.33
CA ARG B 60 -6.46 5.47 -2.18
C ARG B 60 -5.82 6.10 -0.96
N GLN B 61 -5.37 7.35 -1.11
CA GLN B 61 -4.64 8.09 -0.09
C GLN B 61 -5.49 9.28 0.30
N ALA B 62 -6.31 9.12 1.35
CA ALA B 62 -7.18 10.19 1.78
C ALA B 62 -6.35 11.38 2.27
N PRO B 63 -6.84 12.61 2.10
CA PRO B 63 -6.04 13.79 2.45
C PRO B 63 -5.55 13.77 3.89
N GLY B 64 -4.24 13.88 4.05
CA GLY B 64 -3.64 13.96 5.36
C GLY B 64 -3.53 12.65 6.10
N LYS B 65 -3.82 11.53 5.44
CA LYS B 65 -3.87 10.22 6.07
C LYS B 65 -2.93 9.27 5.32
N GLY B 66 -2.93 8.02 5.76
CA GLY B 66 -2.08 6.99 5.18
C GLY B 66 -2.75 6.26 4.05
N LEU B 67 -2.00 5.30 3.49
CA LEU B 67 -2.47 4.55 2.34
C LEU B 67 -3.46 3.49 2.76
N GLU B 68 -4.52 3.32 1.97
CA GLU B 68 -5.56 2.33 2.24
C GLU B 68 -5.87 1.63 0.94
N TRP B 69 -5.55 0.34 0.86
CA TRP B 69 -5.85 -0.45 -0.31
C TRP B 69 -7.35 -0.48 -0.56
N VAL B 70 -7.73 -0.36 -1.84
CA VAL B 70 -9.14 -0.31 -2.25
C VAL B 70 -9.53 -1.59 -2.96
N ALA B 71 -8.85 -1.92 -4.06
CA ALA B 71 -9.27 -3.06 -4.87
C ALA B 71 -8.07 -3.71 -5.54
N VAL B 72 -8.27 -4.94 -6.01
CA VAL B 72 -7.26 -5.66 -6.79
C VAL B 72 -7.94 -6.35 -7.96
N ILE B 73 -7.14 -6.76 -8.93
CA ILE B 73 -7.56 -7.60 -10.03
C ILE B 73 -6.41 -8.51 -10.43
N TRP B 74 -6.71 -9.80 -10.63
CA TRP B 74 -5.72 -10.75 -11.11
C TRP B 74 -5.30 -10.39 -12.53
N TYR B 75 -4.12 -10.89 -12.94
CA TYR B 75 -3.62 -10.52 -14.25
C TYR B 75 -4.55 -10.92 -15.40
N ASP B 76 -5.42 -11.90 -15.22
CA ASP B 76 -6.48 -12.20 -16.18
C ASP B 76 -7.86 -11.79 -15.69
N GLY B 77 -7.95 -11.02 -14.62
CA GLY B 77 -9.18 -10.43 -14.14
C GLY B 77 -10.32 -11.38 -13.90
N THR B 78 -10.01 -12.64 -13.59
CA THR B 78 -11.05 -13.64 -13.52
C THR B 78 -11.67 -13.66 -12.10
N ASN B 79 -10.91 -13.23 -11.09
CA ASN B 79 -11.39 -13.09 -9.71
C ASN B 79 -10.82 -11.84 -9.09
N THR B 80 -11.65 -11.08 -8.36
CA THR B 80 -11.25 -9.79 -7.79
C THR B 80 -11.68 -9.65 -6.34
N TYR B 81 -10.92 -8.83 -5.61
CA TYR B 81 -11.09 -8.52 -4.19
C TYR B 81 -11.19 -7.03 -3.92
N TYR B 82 -12.04 -6.68 -2.95
CA TYR B 82 -12.37 -5.31 -2.58
C TYR B 82 -12.22 -5.15 -1.08
N ALA B 83 -11.82 -3.95 -0.66
CA ALA B 83 -11.76 -3.65 0.76
C ALA B 83 -13.17 -3.67 1.35
N ASP B 84 -13.24 -3.72 2.69
CA ASP B 84 -14.54 -3.73 3.34
C ASP B 84 -15.28 -2.41 3.12
N SER B 85 -14.57 -1.28 3.20
CA SER B 85 -15.20 0.02 3.03
C SER B 85 -15.82 0.21 1.66
N VAL B 86 -15.49 -0.62 0.67
CA VAL B 86 -16.06 -0.51 -0.67
C VAL B 86 -16.65 -1.84 -1.12
N LYS B 87 -16.81 -2.79 -0.20
CA LYS B 87 -17.39 -4.07 -0.56
C LYS B 87 -18.78 -3.88 -1.13
N GLY B 88 -18.98 -4.34 -2.35
CA GLY B 88 -20.28 -4.23 -2.98
C GLY B 88 -20.63 -2.87 -3.52
N ARG B 89 -19.65 -1.96 -3.60
CA ARG B 89 -19.89 -0.60 -4.06
C ARG B 89 -19.05 -0.18 -5.24
N PHE B 90 -17.89 -0.80 -5.47
CA PHE B 90 -16.97 -0.42 -6.54
C PHE B 90 -16.78 -1.63 -7.45
N THR B 91 -16.43 -1.36 -8.71
CA THR B 91 -16.17 -2.40 -9.70
C THR B 91 -14.79 -2.19 -10.29
N ILE B 92 -13.94 -3.22 -10.19
CA ILE B 92 -12.61 -3.23 -10.76
C ILE B 92 -12.63 -4.11 -12.00
N SER B 93 -12.05 -3.62 -13.08
CA SER B 93 -12.00 -4.42 -14.30
C SER B 93 -10.92 -3.88 -15.21
N ARG B 94 -10.30 -4.79 -15.95
CA ARG B 94 -9.24 -4.51 -16.90
C ARG B 94 -9.68 -4.94 -18.28
N ASP B 95 -9.49 -4.07 -19.27
CA ASP B 95 -9.71 -4.43 -20.67
C ASP B 95 -8.37 -4.28 -21.39
N ASN B 96 -7.74 -5.43 -21.64
CA ASN B 96 -6.44 -5.50 -22.29
C ASN B 96 -6.45 -5.02 -23.73
N SER B 97 -7.63 -4.83 -24.34
CA SER B 97 -7.70 -4.34 -25.71
C SER B 97 -6.99 -2.99 -25.84
N LYS B 98 -7.34 -2.04 -24.99
CA LYS B 98 -6.69 -0.74 -24.96
C LYS B 98 -5.53 -0.67 -23.97
N ASN B 99 -5.27 -1.77 -23.24
CA ASN B 99 -4.29 -1.79 -22.15
C ASN B 99 -4.64 -0.72 -21.12
N THR B 100 -5.92 -0.65 -20.76
CA THR B 100 -6.43 0.28 -19.77
C THR B 100 -7.05 -0.49 -18.61
N LEU B 101 -6.66 -0.13 -17.39
CA LEU B 101 -7.37 -0.53 -16.20
C LEU B 101 -8.47 0.49 -15.92
N TYR B 102 -9.56 0.05 -15.32
CA TYR B 102 -10.66 0.93 -14.96
C TYR B 102 -10.97 0.79 -13.48
N LEU B 103 -11.82 1.68 -12.96
CA LEU B 103 -12.45 1.44 -11.67
C LEU B 103 -13.71 2.28 -11.55
N GLN B 104 -14.86 1.65 -11.43
CA GLN B 104 -16.14 2.33 -11.25
C GLN B 104 -16.36 2.62 -9.76
N MET B 105 -17.29 3.54 -9.48
CA MET B 105 -17.74 3.81 -8.12
C MET B 105 -19.25 3.88 -8.11
N ASN B 106 -19.84 3.41 -7.01
CA ASN B 106 -21.28 3.48 -6.80
C ASN B 106 -21.54 3.81 -5.33
N SER B 107 -22.50 4.71 -5.09
CA SER B 107 -22.93 5.06 -3.73
C SER B 107 -21.83 5.78 -2.97
N LEU B 108 -21.10 6.66 -3.65
CA LEU B 108 -20.01 7.41 -3.03
C LEU B 108 -20.51 8.24 -1.86
N ARG B 109 -19.71 8.25 -0.78
CA ARG B 109 -19.95 9.07 0.40
C ARG B 109 -18.72 9.94 0.64
N ALA B 110 -18.82 10.80 1.67
CA ALA B 110 -17.85 11.88 1.86
C ALA B 110 -16.43 11.36 2.08
N GLU B 111 -16.28 10.28 2.86
CA GLU B 111 -14.96 9.74 3.16
C GLU B 111 -14.15 9.37 1.92
N ASP B 112 -14.83 9.11 0.79
CA ASP B 112 -14.18 8.60 -0.41
C ASP B 112 -13.21 9.60 -1.03
N THR B 113 -13.21 10.87 -0.62
CA THR B 113 -12.24 11.81 -1.12
C THR B 113 -10.83 11.29 -0.89
N ALA B 114 -9.98 11.39 -1.92
CA ALA B 114 -8.70 10.70 -1.85
C ALA B 114 -7.86 11.06 -3.08
N VAL B 115 -6.62 10.60 -3.05
CA VAL B 115 -5.74 10.54 -4.21
C VAL B 115 -5.65 9.07 -4.60
N TYR B 116 -6.48 8.65 -5.55
CA TYR B 116 -6.47 7.28 -6.05
C TYR B 116 -5.23 7.01 -6.89
N TYR B 117 -4.28 6.27 -6.31
CA TYR B 117 -3.11 5.71 -6.99
C TYR B 117 -3.45 4.33 -7.57
N CYS B 118 -3.67 4.24 -8.89
CA CYS B 118 -3.58 2.93 -9.51
C CYS B 118 -2.17 2.38 -9.32
N ALA B 119 -2.06 1.09 -8.98
CA ALA B 119 -0.80 0.43 -8.69
C ALA B 119 -0.66 -0.86 -9.48
N ARG B 120 0.57 -1.31 -9.60
CA ARG B 120 0.96 -2.52 -10.32
C ARG B 120 1.44 -3.57 -9.33
N ASP B 121 1.08 -4.83 -9.59
CA ASP B 121 1.59 -5.92 -8.78
C ASP B 121 3.10 -6.05 -8.95
N LEU B 122 3.75 -6.61 -7.94
CA LEU B 122 5.17 -6.92 -8.06
C LEU B 122 5.41 -8.14 -8.93
N ALA B 123 4.62 -9.18 -8.75
CA ALA B 123 5.00 -10.50 -9.21
C ALA B 123 4.55 -10.71 -10.64
N TYR B 124 5.37 -11.43 -11.40
CA TYR B 124 5.07 -11.75 -12.78
C TYR B 124 4.28 -13.06 -12.79
N ARG B 125 3.06 -13.00 -13.31
CA ARG B 125 2.29 -14.22 -13.45
C ARG B 125 2.32 -14.98 -12.12
N ASP B 126 2.01 -14.27 -11.04
CA ASP B 126 1.73 -14.91 -9.75
C ASP B 126 0.38 -14.41 -9.23
N TYR B 127 -0.30 -15.28 -8.48
CA TYR B 127 -1.62 -14.99 -7.95
C TYR B 127 -1.60 -14.40 -6.55
N VAL B 128 -0.46 -14.41 -5.87
CA VAL B 128 -0.36 -13.95 -4.48
C VAL B 128 -0.97 -12.57 -4.30
N TRP B 129 -0.56 -11.61 -5.13
CA TRP B 129 -0.98 -10.19 -5.11
C TRP B 129 -0.71 -9.55 -3.75
N ARG B 130 0.57 -9.52 -3.36
CA ARG B 130 0.93 -9.00 -2.05
C ARG B 130 1.72 -7.71 -2.05
N TYR B 131 2.52 -7.41 -3.07
CA TYR B 131 3.31 -6.19 -3.09
C TYR B 131 2.88 -5.26 -4.22
N PHE B 132 3.01 -3.95 -3.99
CA PHE B 132 2.78 -2.91 -4.99
C PHE B 132 4.15 -2.39 -5.46
N ASP B 133 4.61 -2.80 -6.64
CA ASP B 133 5.96 -2.40 -7.04
C ASP B 133 6.04 -1.13 -7.90
N LEU B 134 4.92 -0.56 -8.33
CA LEU B 134 5.00 0.56 -9.27
C LEU B 134 3.66 1.30 -9.24
N TRP B 135 3.71 2.62 -9.11
CA TRP B 135 2.54 3.40 -8.75
C TRP B 135 2.25 4.47 -9.80
N GLY B 136 0.97 4.61 -10.12
CA GLY B 136 0.51 5.78 -10.84
C GLY B 136 0.63 7.03 -10.00
N ARG B 137 0.69 8.18 -10.66
CA ARG B 137 0.95 9.44 -9.97
C ARG B 137 -0.14 9.81 -8.96
N GLY B 138 -1.30 9.18 -9.02
CA GLY B 138 -2.40 9.46 -8.13
C GLY B 138 -3.30 10.56 -8.65
N THR B 139 -4.59 10.30 -8.74
CA THR B 139 -5.58 11.28 -9.22
C THR B 139 -6.46 11.75 -8.07
N LEU B 140 -6.58 13.07 -7.93
CA LEU B 140 -7.55 13.62 -7.01
C LEU B 140 -8.97 13.14 -7.33
N VAL B 141 -9.71 12.80 -6.27
CA VAL B 141 -11.14 12.55 -6.34
C VAL B 141 -11.73 13.20 -5.09
N THR B 142 -12.80 13.99 -5.27
CA THR B 142 -13.37 14.75 -4.17
C THR B 142 -14.90 14.71 -4.25
N VAL B 143 -15.52 14.80 -3.08
CA VAL B 143 -16.97 14.71 -2.97
C VAL B 143 -17.49 15.75 -1.99
N SER B 144 -18.51 16.49 -2.43
CA SER B 144 -19.17 17.51 -1.63
C SER B 144 -20.35 18.02 -2.43
N GLY B 145 -21.25 18.73 -1.74
CA GLY B 145 -22.34 19.43 -2.40
C GLY B 145 -22.03 20.84 -2.84
N ALA B 146 -20.91 21.39 -2.39
CA ALA B 146 -20.51 22.72 -2.81
C ALA B 146 -20.26 22.77 -4.31
N SER B 147 -20.57 23.93 -4.89
CA SER B 147 -20.27 24.21 -6.30
C SER B 147 -18.96 24.98 -6.40
N THR B 148 -18.30 24.84 -7.54
CA THR B 148 -17.05 25.55 -7.80
C THR B 148 -17.24 27.05 -7.58
N LYS B 149 -16.35 27.66 -6.82
CA LYS B 149 -16.41 29.09 -6.55
C LYS B 149 -15.01 29.62 -6.27
N GLY B 150 -14.70 30.77 -6.84
CA GLY B 150 -13.38 31.34 -6.75
C GLY B 150 -12.99 31.77 -5.34
N PRO B 151 -11.68 31.85 -5.09
CA PRO B 151 -11.21 32.19 -3.74
C PRO B 151 -11.44 33.65 -3.39
N SER B 152 -11.57 33.91 -2.11
CA SER B 152 -11.64 35.27 -1.60
C SER B 152 -10.36 35.49 -0.79
N VAL B 153 -9.35 36.07 -1.45
CA VAL B 153 -8.15 36.46 -0.73
C VAL B 153 -8.50 37.65 0.16
N PHE B 154 -8.17 37.54 1.45
CA PHE B 154 -8.53 38.49 2.49
C PHE B 154 -7.25 38.97 3.18
N PRO B 155 -7.30 40.11 3.88
CA PRO B 155 -6.07 40.69 4.45
C PRO B 155 -5.40 39.76 5.46
N LEU B 156 -4.19 40.18 5.85
CA LEU B 156 -3.47 39.62 6.99
C LEU B 156 -3.36 38.10 6.97
N THR B 167 11.76 39.80 13.18
CA THR B 167 11.31 40.92 12.35
C THR B 167 9.80 40.86 12.22
N ALA B 168 9.22 41.56 11.22
CA ALA B 168 7.78 41.70 11.10
C ALA B 168 7.30 40.97 9.86
N ALA B 169 6.20 40.23 9.99
CA ALA B 169 5.66 39.40 8.92
C ALA B 169 4.23 39.79 8.61
N LEU B 170 3.79 39.37 7.43
CA LEU B 170 2.42 39.64 7.00
C LEU B 170 2.17 38.84 5.72
N GLY B 171 0.90 38.81 5.33
CA GLY B 171 0.51 38.07 4.16
C GLY B 171 -0.98 38.19 3.96
N CYS B 172 -1.50 37.40 3.01
CA CYS B 172 -2.95 37.35 2.76
C CYS B 172 -3.51 35.95 3.04
N LEU B 173 -4.60 35.92 3.82
CA LEU B 173 -5.35 34.71 4.12
C LEU B 173 -6.40 34.44 3.04
N VAL B 174 -6.41 33.25 2.46
CA VAL B 174 -7.30 32.95 1.34
C VAL B 174 -8.41 32.04 1.84
N LYS B 175 -9.65 32.47 1.62
CA LYS B 175 -10.81 31.93 2.31
C LYS B 175 -11.87 31.49 1.32
N ASP B 176 -12.59 30.40 1.68
CA ASP B 176 -13.83 30.00 1.02
C ASP B 176 -13.63 29.79 -0.48
N TYR B 177 -12.78 28.82 -0.81
CA TYR B 177 -12.49 28.45 -2.18
C TYR B 177 -12.59 26.95 -2.34
N PHE B 178 -13.00 26.53 -3.55
CA PHE B 178 -13.33 25.15 -3.83
C PHE B 178 -13.37 24.96 -5.34
N PRO B 179 -12.78 23.89 -5.89
CA PRO B 179 -11.83 22.88 -5.40
C PRO B 179 -10.40 23.41 -5.39
N GLU B 180 -9.43 22.51 -5.31
CA GLU B 180 -8.02 22.85 -5.43
C GLU B 180 -7.70 23.07 -6.90
N PRO B 181 -6.45 23.45 -7.24
CA PRO B 181 -5.35 24.05 -6.48
C PRO B 181 -5.31 25.57 -6.57
N VAL B 182 -4.62 26.19 -5.62
CA VAL B 182 -4.40 27.64 -5.60
C VAL B 182 -2.91 27.90 -5.48
N THR B 183 -2.36 28.71 -6.37
CA THR B 183 -0.94 29.03 -6.39
C THR B 183 -0.77 30.48 -6.00
N VAL B 184 -0.01 30.71 -4.93
CA VAL B 184 0.19 32.04 -4.37
C VAL B 184 1.58 32.55 -4.72
N SER B 185 1.70 33.86 -4.83
CA SER B 185 2.97 34.52 -5.12
C SER B 185 2.96 35.88 -4.47
N TRP B 186 4.14 36.41 -4.19
CA TRP B 186 4.31 37.74 -3.61
C TRP B 186 4.96 38.61 -4.68
N ASN B 187 4.27 39.67 -5.07
CA ASN B 187 4.76 40.57 -6.11
C ASN B 187 4.98 39.79 -7.41
N SER B 188 4.00 38.95 -7.75
CA SER B 188 4.12 38.00 -8.85
C SER B 188 5.39 37.17 -8.73
N GLY B 189 5.66 36.69 -7.51
CA GLY B 189 6.76 35.79 -7.28
C GLY B 189 8.11 36.46 -7.14
N ALA B 190 8.16 37.80 -7.05
CA ALA B 190 9.42 38.52 -6.94
C ALA B 190 10.27 38.01 -5.79
N LEU B 191 9.65 37.60 -4.68
CA LEU B 191 10.35 37.08 -3.51
C LEU B 191 9.81 35.72 -3.16
N THR B 192 10.72 34.82 -2.76
CA THR B 192 10.37 33.44 -2.40
C THR B 192 10.93 33.00 -1.05
N SER B 193 12.01 33.59 -0.56
CA SER B 193 12.60 33.16 0.68
C SER B 193 11.80 33.64 1.88
N GLY B 194 11.79 32.83 2.93
CA GLY B 194 11.00 33.14 4.13
C GLY B 194 9.52 33.19 3.86
N VAL B 195 9.04 32.44 2.88
CA VAL B 195 7.65 32.44 2.45
C VAL B 195 7.03 31.12 2.87
N HIS B 196 5.82 31.18 3.43
CA HIS B 196 5.09 29.96 3.75
C HIS B 196 3.71 30.01 3.14
N THR B 197 3.38 28.96 2.38
CA THR B 197 2.06 28.68 1.86
C THR B 197 1.53 27.43 2.55
N PHE B 198 0.32 27.55 3.17
CA PHE B 198 -0.10 26.49 4.09
C PHE B 198 -1.10 25.54 3.44
N PRO B 199 -1.14 24.27 3.87
CA PRO B 199 -2.07 23.32 3.26
C PRO B 199 -3.52 23.75 3.39
N ALA B 200 -4.28 23.51 2.33
CA ALA B 200 -5.72 23.68 2.38
C ALA B 200 -6.32 22.71 3.39
N VAL B 201 -7.39 23.14 4.05
CA VAL B 201 -8.14 22.28 4.94
C VAL B 201 -9.61 22.46 4.62
N LEU B 202 -10.40 21.43 4.96
CA LEU B 202 -11.83 21.42 4.72
C LEU B 202 -12.56 21.86 5.98
N GLN B 203 -13.41 22.88 5.85
CA GLN B 203 -14.30 23.33 6.91
C GLN B 203 -15.73 22.89 6.59
N SER B 204 -16.57 22.88 7.64
CA SER B 204 -17.90 22.30 7.56
C SER B 204 -18.77 22.96 6.49
N SER B 205 -18.48 24.20 6.10
CA SER B 205 -19.28 24.87 5.09
C SER B 205 -19.20 24.18 3.72
N GLY B 206 -18.23 23.31 3.50
CA GLY B 206 -18.05 22.65 2.23
C GLY B 206 -17.03 23.28 1.31
N LEU B 207 -16.17 24.16 1.83
CA LEU B 207 -15.17 24.88 1.07
C LEU B 207 -13.80 24.63 1.67
N TYR B 208 -12.78 25.25 1.08
CA TYR B 208 -11.42 25.20 1.57
C TYR B 208 -10.92 26.59 1.93
N SER B 209 -9.82 26.61 2.67
CA SER B 209 -9.11 27.85 2.91
C SER B 209 -7.67 27.53 3.26
N LEU B 210 -6.84 28.57 3.19
CA LEU B 210 -5.44 28.50 3.55
C LEU B 210 -5.01 29.93 3.88
N SER B 211 -3.71 30.12 3.99
CA SER B 211 -3.16 31.45 4.12
C SER B 211 -1.73 31.42 3.62
N SER B 212 -1.21 32.59 3.30
CA SER B 212 0.17 32.69 2.85
C SER B 212 0.79 33.90 3.52
N VAL B 213 2.03 33.72 4.01
CA VAL B 213 2.72 34.73 4.79
C VAL B 213 4.18 34.81 4.38
N VAL B 214 4.82 35.90 4.80
CA VAL B 214 6.25 36.10 4.61
C VAL B 214 6.73 37.06 5.69
N THR B 215 7.97 36.86 6.14
CA THR B 215 8.62 37.77 7.07
C THR B 215 9.51 38.75 6.31
N VAL B 216 9.45 40.01 6.73
CA VAL B 216 10.24 41.11 6.18
C VAL B 216 10.97 41.79 7.34
N PRO B 217 12.12 42.43 7.12
CA PRO B 217 12.74 43.21 8.20
C PRO B 217 11.79 44.29 8.71
N SER B 218 11.83 44.52 10.02
CA SER B 218 11.00 45.55 10.64
C SER B 218 11.19 46.90 9.96
N SER B 219 12.45 47.25 9.67
CA SER B 219 12.74 48.52 9.02
C SER B 219 12.07 48.62 7.67
N SER B 220 11.89 47.48 6.98
CA SER B 220 11.24 47.47 5.67
C SER B 220 9.76 47.79 5.73
N LEU B 221 9.16 47.87 6.94
CA LEU B 221 7.71 47.80 7.11
C LEU B 221 6.99 48.83 6.25
N GLY B 222 7.42 50.08 6.32
CA GLY B 222 6.81 51.15 5.58
C GLY B 222 7.55 51.44 4.28
N THR B 223 8.81 51.00 4.19
CA THR B 223 9.63 51.38 3.03
C THR B 223 9.09 50.77 1.74
N GLN B 224 8.66 49.51 1.78
CA GLN B 224 8.42 48.70 0.59
C GLN B 224 6.97 48.26 0.55
N THR B 225 6.34 48.42 -0.61
CA THR B 225 4.96 48.00 -0.82
C THR B 225 4.92 46.55 -1.26
N TYR B 226 3.95 45.81 -0.73
CA TYR B 226 3.78 44.38 -0.98
C TYR B 226 2.41 44.13 -1.59
N ILE B 227 2.39 43.40 -2.71
CA ILE B 227 1.16 43.00 -3.38
C ILE B 227 1.17 41.49 -3.49
N CYS B 228 0.11 40.84 -2.98
CA CYS B 228 0.00 39.40 -3.07
C CYS B 228 -0.83 39.06 -4.31
N ASN B 229 -0.21 38.29 -5.20
CA ASN B 229 -0.76 37.89 -6.47
C ASN B 229 -1.11 36.42 -6.33
N VAL B 230 -2.39 36.05 -6.51
CA VAL B 230 -2.84 34.68 -6.28
C VAL B 230 -3.66 34.22 -7.47
N ASN B 231 -3.39 32.99 -7.92
CA ASN B 231 -4.11 32.37 -9.02
C ASN B 231 -4.88 31.15 -8.52
N HIS B 232 -6.09 30.98 -9.05
CA HIS B 232 -6.91 29.79 -8.87
C HIS B 232 -7.32 29.37 -10.28
N LYS B 233 -6.54 28.48 -10.89
CA LYS B 233 -6.74 28.18 -12.31
C LYS B 233 -8.15 27.70 -12.67
N PRO B 234 -8.78 26.74 -11.97
CA PRO B 234 -10.03 26.17 -12.50
C PRO B 234 -11.14 27.19 -12.77
N SER B 235 -11.31 28.18 -11.89
CA SER B 235 -12.19 29.31 -12.15
C SER B 235 -11.48 30.53 -12.72
N ASN B 236 -10.16 30.44 -12.93
CA ASN B 236 -9.34 31.53 -13.47
C ASN B 236 -9.58 32.86 -12.74
N THR B 237 -9.92 32.80 -11.45
CA THR B 237 -10.21 34.03 -10.71
C THR B 237 -8.88 34.64 -10.30
N LYS B 238 -8.36 35.51 -11.15
CA LYS B 238 -7.07 36.15 -10.92
C LYS B 238 -7.37 37.46 -10.20
N VAL B 239 -7.28 37.45 -8.87
CA VAL B 239 -7.45 38.66 -8.05
C VAL B 239 -6.16 38.91 -7.29
N ASP B 240 -5.67 40.15 -7.34
CA ASP B 240 -4.40 40.52 -6.74
C ASP B 240 -4.60 41.78 -5.91
N LYS B 241 -4.12 41.78 -4.66
CA LYS B 241 -4.30 42.98 -3.83
C LYS B 241 -3.06 43.34 -3.03
N ARG B 242 -2.91 44.64 -2.79
CA ARG B 242 -1.84 45.16 -1.95
C ARG B 242 -2.19 44.99 -0.47
N VAL B 243 -1.14 44.81 0.34
CA VAL B 243 -1.23 44.80 1.80
C VAL B 243 -0.64 46.11 2.33
N GLU B 244 -1.47 46.88 3.03
CA GLU B 244 -1.05 48.15 3.60
C GLU B 244 -1.57 48.23 5.04
N PRO B 245 -0.72 48.58 6.04
CA PRO B 245 -1.30 48.69 7.39
C PRO B 245 -2.17 49.93 7.55
N GLU C 23 -7.18 -11.09 11.41
CA GLU C 23 -6.84 -9.82 10.71
C GLU C 23 -5.54 -9.24 11.28
N ILE C 24 -4.64 -8.88 10.37
CA ILE C 24 -3.33 -8.36 10.74
C ILE C 24 -3.42 -6.84 10.75
N VAL C 25 -3.10 -6.23 11.88
CA VAL C 25 -3.07 -4.78 12.03
C VAL C 25 -1.66 -4.38 12.44
N LEU C 26 -1.00 -3.59 11.60
CA LEU C 26 0.43 -3.39 11.70
C LEU C 26 0.72 -2.39 12.81
N THR C 27 1.73 -2.68 13.63
CA THR C 27 2.12 -1.79 14.73
C THR C 27 3.53 -1.27 14.50
N GLN C 28 3.66 0.04 14.29
CA GLN C 28 4.90 0.69 13.88
C GLN C 28 5.51 1.46 15.05
N SER C 29 6.82 1.29 15.25
CA SER C 29 7.54 2.06 16.23
C SER C 29 8.90 2.46 15.67
N PRO C 30 9.50 3.57 16.16
CA PRO C 30 8.89 4.63 16.98
C PRO C 30 7.96 5.46 16.12
N ALA C 31 7.01 6.18 16.75
CA ALA C 31 6.04 6.98 16.01
C ALA C 31 6.69 7.93 15.02
N THR C 32 7.88 8.44 15.35
CA THR C 32 8.62 9.31 14.45
C THR C 32 10.10 9.19 14.76
N LEU C 33 10.93 9.55 13.79
CA LEU C 33 12.37 9.52 13.91
C LEU C 33 12.93 10.88 13.53
N SER C 34 13.90 11.34 14.32
CA SER C 34 14.61 12.58 14.07
C SER C 34 16.09 12.30 14.23
N LEU C 35 16.88 12.62 13.20
CA LEU C 35 18.29 12.26 13.20
C LEU C 35 19.01 13.09 12.14
N SER C 36 20.33 13.18 12.29
CA SER C 36 21.18 13.85 11.33
C SER C 36 21.51 12.90 10.18
N PRO C 37 21.83 13.42 8.99
CA PRO C 37 22.25 12.51 7.93
C PRO C 37 23.59 11.87 8.26
N GLY C 38 23.87 10.78 7.55
CA GLY C 38 25.09 10.03 7.72
C GLY C 38 25.03 8.98 8.81
N GLU C 39 24.01 9.05 9.68
CA GLU C 39 23.87 8.16 10.81
C GLU C 39 23.04 6.94 10.43
N ARG C 40 22.78 6.07 11.40
CA ARG C 40 22.08 4.82 11.19
C ARG C 40 20.65 4.95 11.67
N ALA C 41 19.70 4.83 10.75
CA ALA C 41 18.27 4.94 11.06
C ALA C 41 17.66 3.56 11.00
N THR C 42 17.08 3.12 12.11
CA THR C 42 16.45 1.81 12.22
C THR C 42 15.00 2.00 12.64
N LEU C 43 14.08 1.59 11.77
CA LEU C 43 12.66 1.55 12.09
C LEU C 43 12.22 0.15 12.42
N SER C 44 11.12 0.04 13.19
CA SER C 44 10.50 -1.23 13.52
C SER C 44 9.05 -1.24 13.09
N CYS C 45 8.62 -2.39 12.58
CA CYS C 45 7.24 -2.73 12.32
C CYS C 45 7.03 -4.12 12.94
N ARG C 46 6.28 -4.17 14.04
CA ARG C 46 5.86 -5.41 14.68
C ARG C 46 4.42 -5.70 14.24
N ALA C 47 4.28 -6.70 13.38
CA ALA C 47 2.98 -7.19 12.95
C ALA C 47 2.22 -7.86 14.09
N SER C 48 0.90 -7.81 14.02
CA SER C 48 0.05 -8.34 15.08
C SER C 48 0.22 -9.85 15.24
N GLN C 49 0.27 -10.60 14.12
CA GLN C 49 0.47 -12.04 14.21
C GLN C 49 1.22 -12.54 12.99
N SER C 50 1.90 -13.69 13.19
CA SER C 50 2.96 -14.17 12.31
C SER C 50 2.58 -14.13 10.83
N VAL C 51 3.53 -13.71 9.99
CA VAL C 51 3.33 -13.73 8.55
C VAL C 51 4.50 -14.41 7.82
N SER C 52 5.37 -15.14 8.53
CA SER C 52 6.59 -15.69 7.92
C SER C 52 7.46 -14.55 7.39
N THR C 53 7.56 -14.40 6.06
CA THR C 53 8.60 -13.58 5.47
C THR C 53 8.02 -12.42 4.67
N TYR C 54 6.72 -12.10 4.83
CA TYR C 54 5.98 -11.27 3.86
C TYR C 54 5.58 -9.94 4.49
N LEU C 55 6.46 -8.96 4.38
CA LEU C 55 6.14 -7.59 4.73
C LEU C 55 7.03 -6.70 3.89
N ALA C 56 6.49 -5.56 3.47
CA ALA C 56 7.16 -4.71 2.51
C ALA C 56 7.14 -3.27 2.96
N TRP C 57 8.12 -2.51 2.47
CA TRP C 57 8.39 -1.15 2.92
C TRP C 57 8.14 -0.17 1.78
N TYR C 58 7.45 0.92 2.10
CA TYR C 58 7.10 1.97 1.13
C TYR C 58 7.62 3.33 1.58
N GLN C 59 8.28 4.05 0.68
CA GLN C 59 8.90 5.35 0.95
C GLN C 59 8.15 6.40 0.16
N GLN C 60 7.52 7.34 0.87
CA GLN C 60 6.78 8.43 0.23
C GLN C 60 7.34 9.77 0.69
N LYS C 61 7.95 10.49 -0.22
CA LYS C 61 8.20 11.91 -0.02
C LYS C 61 6.90 12.68 -0.15
N PHE C 62 6.86 13.87 0.46
CA PHE C 62 5.64 14.66 0.53
C PHE C 62 5.13 14.98 -0.87
N GLY C 63 3.96 14.45 -1.21
CA GLY C 63 3.32 14.69 -2.48
C GLY C 63 3.74 13.76 -3.61
N GLN C 64 4.88 13.10 -3.46
CA GLN C 64 5.43 12.26 -4.53
C GLN C 64 4.66 10.94 -4.58
N ALA C 65 5.11 10.02 -5.43
CA ALA C 65 4.48 8.73 -5.63
C ALA C 65 5.19 7.69 -4.78
N PRO C 66 4.52 6.96 -3.89
CA PRO C 66 5.24 5.96 -3.08
C PRO C 66 5.87 4.89 -3.96
N ARG C 67 7.07 4.47 -3.58
CA ARG C 67 7.81 3.43 -4.31
C ARG C 67 8.22 2.34 -3.35
N LEU C 68 8.03 1.09 -3.76
CA LEU C 68 8.46 -0.06 -2.97
C LEU C 68 9.97 0.00 -2.76
N LEU C 69 10.41 -0.40 -1.55
CA LEU C 69 11.82 -0.53 -1.22
C LEU C 69 12.22 -1.98 -1.01
N ILE C 70 11.49 -2.67 -0.14
CA ILE C 70 11.79 -4.02 0.27
C ILE C 70 10.51 -4.81 0.15
N TYR C 71 10.59 -5.98 -0.48
CA TYR C 71 9.54 -6.98 -0.42
C TYR C 71 10.19 -8.27 0.01
N ASP C 72 9.40 -9.11 0.69
CA ASP C 72 9.83 -10.34 1.35
C ASP C 72 10.64 -10.05 2.61
N ALA C 73 10.81 -8.78 2.98
CA ALA C 73 11.36 -8.27 4.22
C ALA C 73 12.87 -8.40 4.32
N SER C 74 13.55 -9.03 3.35
CA SER C 74 14.98 -8.80 3.18
C SER C 74 15.44 -8.65 1.73
N ASN C 75 14.54 -8.60 0.75
CA ASN C 75 14.97 -8.51 -0.64
C ASN C 75 15.00 -7.05 -1.06
N ARG C 76 16.16 -6.60 -1.52
CA ARG C 76 16.35 -5.22 -1.97
C ARG C 76 15.82 -5.09 -3.40
N ALA C 77 14.61 -4.56 -3.52
CA ALA C 77 13.95 -4.41 -4.82
C ALA C 77 14.81 -3.57 -5.77
N THR C 78 14.50 -3.69 -7.06
CA THR C 78 15.26 -3.01 -8.09
C THR C 78 15.09 -1.49 -7.96
N GLY C 79 16.11 -0.76 -8.43
CA GLY C 79 16.15 0.67 -8.22
C GLY C 79 16.52 1.10 -6.83
N ILE C 80 16.92 0.18 -5.96
CA ILE C 80 17.25 0.46 -4.57
C ILE C 80 18.76 0.31 -4.42
N PRO C 81 19.52 1.41 -4.31
CA PRO C 81 20.92 1.32 -3.89
C PRO C 81 21.13 0.42 -2.67
N ALA C 82 22.32 -0.20 -2.61
CA ALA C 82 22.61 -1.27 -1.67
C ALA C 82 22.62 -0.79 -0.21
N ARG C 83 22.64 0.52 0.01
CA ARG C 83 22.59 1.14 1.33
C ARG C 83 21.30 0.85 2.12
N PHE C 84 20.30 0.19 1.52
CA PHE C 84 18.99 -0.07 2.12
C PHE C 84 18.94 -1.54 2.53
N SER C 85 18.71 -1.82 3.83
CA SER C 85 18.72 -3.19 4.33
C SER C 85 17.52 -3.40 5.25
N GLY C 86 16.90 -4.58 5.18
CA GLY C 86 15.82 -4.92 6.08
C GLY C 86 15.93 -6.36 6.56
N SER C 87 15.28 -6.62 7.70
CA SER C 87 15.41 -7.92 8.36
C SER C 87 14.13 -8.21 9.13
N GLY C 88 13.93 -9.51 9.42
CA GLY C 88 12.87 -9.95 10.31
C GLY C 88 11.95 -11.01 9.74
N SER C 89 11.29 -11.77 10.60
CA SER C 89 10.22 -12.65 10.16
C SER C 89 9.35 -13.03 11.35
N GLY C 90 8.11 -13.41 11.04
CA GLY C 90 7.11 -13.69 12.05
C GLY C 90 6.33 -12.45 12.45
N THR C 91 6.66 -11.85 13.59
CA THR C 91 6.09 -10.57 14.01
C THR C 91 7.15 -9.60 14.50
N ASP C 92 8.36 -9.70 13.96
CA ASP C 92 9.42 -8.71 14.17
C ASP C 92 9.99 -8.35 12.81
N PHE C 93 9.94 -7.07 12.45
CA PHE C 93 10.40 -6.66 11.13
C PHE C 93 10.95 -5.27 11.30
N THR C 94 12.18 -5.05 10.85
CA THR C 94 12.80 -3.74 10.99
C THR C 94 13.64 -3.44 9.76
N LEU C 95 13.65 -2.16 9.40
CA LEU C 95 14.44 -1.67 8.28
C LEU C 95 15.55 -0.80 8.82
N THR C 96 16.73 -0.92 8.21
CA THR C 96 17.90 -0.13 8.55
C THR C 96 18.40 0.61 7.32
N ILE C 97 18.90 1.82 7.58
CA ILE C 97 19.55 2.67 6.60
C ILE C 97 20.89 3.08 7.21
N SER C 98 21.97 2.90 6.45
CA SER C 98 23.32 3.18 6.96
C SER C 98 23.62 4.68 7.00
N SER C 99 23.31 5.38 5.91
CA SER C 99 23.70 6.78 5.73
C SER C 99 22.56 7.53 5.06
N LEU C 100 21.86 8.37 5.80
CA LEU C 100 20.74 9.09 5.21
C LEU C 100 21.25 10.27 4.40
N GLU C 101 20.70 10.44 3.21
CA GLU C 101 20.92 11.59 2.35
C GLU C 101 19.55 12.04 1.86
N PRO C 102 19.40 13.29 1.41
CA PRO C 102 18.07 13.93 1.41
C PRO C 102 16.98 13.19 0.62
N GLU C 103 17.33 12.23 -0.25
CA GLU C 103 16.30 11.43 -0.92
C GLU C 103 15.50 10.57 0.06
N ASP C 104 15.96 10.42 1.31
CA ASP C 104 15.43 9.46 2.26
C ASP C 104 14.71 10.11 3.43
N PHE C 105 14.85 11.42 3.62
CA PHE C 105 14.07 12.09 4.64
C PHE C 105 12.65 12.20 4.10
N ALA C 106 11.82 11.23 4.45
CA ALA C 106 10.48 11.09 3.92
C ALA C 106 9.59 10.47 4.98
N VAL C 107 8.40 10.02 4.60
CA VAL C 107 7.61 9.12 5.43
C VAL C 107 7.83 7.70 4.91
N TYR C 108 7.48 6.73 5.75
CA TYR C 108 7.75 5.32 5.45
C TYR C 108 6.66 4.47 6.08
N TYR C 109 6.25 3.43 5.35
CA TYR C 109 5.18 2.55 5.74
C TYR C 109 5.64 1.10 5.65
N CYS C 110 5.01 0.25 6.46
CA CYS C 110 5.12 -1.20 6.35
C CYS C 110 3.74 -1.75 6.03
N GLN C 111 3.70 -2.71 5.10
CA GLN C 111 2.43 -3.29 4.68
C GLN C 111 2.57 -4.78 4.52
N CYS C 112 1.45 -5.47 4.64
CA CYS C 112 1.37 -6.91 4.42
C CYS C 112 -0.08 -7.24 4.17
N ARG C 113 -0.41 -8.54 4.13
CA ARG C 113 -1.65 -8.99 3.53
C ARG C 113 -2.36 -9.93 4.49
N SER C 114 -3.64 -10.18 4.22
CA SER C 114 -4.52 -10.87 5.15
C SER C 114 -5.49 -11.78 4.39
N ASN C 115 -6.00 -12.75 5.14
CA ASN C 115 -6.89 -13.79 4.66
C ASN C 115 -8.35 -13.59 5.07
N TRP C 116 -8.63 -13.41 6.36
CA TRP C 116 -10.00 -13.17 6.83
C TRP C 116 -10.16 -11.73 7.32
N PRO C 117 -11.02 -10.89 6.72
CA PRO C 117 -11.51 -10.96 5.34
C PRO C 117 -10.30 -10.72 4.44
N PRO C 118 -10.19 -11.35 3.27
CA PRO C 118 -8.98 -11.17 2.45
C PRO C 118 -8.73 -9.71 2.17
N GLY C 119 -7.49 -9.28 2.36
CA GLY C 119 -7.20 -7.89 2.08
C GLY C 119 -5.75 -7.55 2.27
N ILE C 120 -5.49 -6.27 2.54
CA ILE C 120 -4.14 -5.75 2.69
C ILE C 120 -4.21 -4.68 3.77
N THR C 121 -3.25 -4.72 4.69
CA THR C 121 -3.13 -3.72 5.75
C THR C 121 -1.81 -2.98 5.58
N PHE C 122 -1.90 -1.67 5.46
CA PHE C 122 -0.76 -0.78 5.62
C PHE C 122 -0.58 -0.45 7.10
N GLY C 123 0.50 0.26 7.40
CA GLY C 123 0.73 0.79 8.73
C GLY C 123 0.12 2.17 8.92
N GLN C 124 0.61 2.86 9.95
CA GLN C 124 0.23 4.24 10.21
C GLN C 124 1.18 5.26 9.61
N GLY C 125 2.43 4.90 9.39
CA GLY C 125 3.43 5.78 8.82
C GLY C 125 4.44 6.24 9.86
N THR C 126 5.65 6.55 9.39
CA THR C 126 6.77 6.92 10.25
C THR C 126 7.53 8.06 9.61
N ARG C 127 7.43 9.26 10.20
CA ARG C 127 8.02 10.46 9.62
C ARG C 127 9.47 10.62 10.06
N LEU C 128 10.28 11.19 9.17
CA LEU C 128 11.70 11.41 9.38
C LEU C 128 11.99 12.91 9.46
N GLU C 129 12.84 13.29 10.42
CA GLU C 129 13.15 14.69 10.68
C GLU C 129 14.66 14.87 10.82
N ILE C 130 15.11 16.08 10.54
CA ILE C 130 16.53 16.43 10.59
C ILE C 130 16.85 17.05 11.95
N LYS C 131 17.88 16.54 12.63
CA LYS C 131 18.52 17.31 13.69
C LYS C 131 19.07 18.62 13.18
N ARG C 132 18.88 19.67 13.97
CA ARG C 132 19.71 20.87 13.92
C ARG C 132 19.62 21.53 15.29
N THR C 133 20.12 22.76 15.39
CA THR C 133 20.03 23.48 16.65
C THR C 133 18.58 23.78 16.96
N VAL C 134 18.09 23.26 18.09
CA VAL C 134 16.72 23.52 18.52
C VAL C 134 16.49 25.02 18.59
N ALA C 135 15.43 25.47 17.92
CA ALA C 135 15.18 26.89 17.68
C ALA C 135 13.76 27.22 18.11
N ALA C 136 13.62 28.17 19.01
CA ALA C 136 12.32 28.45 19.60
C ALA C 136 11.45 29.25 18.62
N PRO C 137 10.15 29.28 18.84
CA PRO C 137 9.26 30.01 17.92
C PRO C 137 9.34 31.54 18.02
N SER C 138 9.01 32.17 16.90
CA SER C 138 8.55 33.57 16.82
C SER C 138 7.03 33.57 16.69
N VAL C 139 6.33 33.92 17.77
CA VAL C 139 4.87 34.00 17.74
C VAL C 139 4.41 35.34 17.18
N PHE C 140 3.41 35.29 16.29
CA PHE C 140 2.69 36.45 15.77
C PHE C 140 1.18 36.21 15.92
N ILE C 141 0.42 37.30 15.98
CA ILE C 141 -1.04 37.26 16.02
C ILE C 141 -1.58 38.28 15.02
N PHE C 142 -2.61 37.91 14.26
CA PHE C 142 -3.11 38.74 13.16
C PHE C 142 -4.55 39.12 13.45
N PRO C 143 -4.84 40.35 13.89
CA PRO C 143 -6.23 40.69 14.24
C PRO C 143 -7.14 40.59 13.04
N PRO C 144 -8.44 40.29 13.26
CA PRO C 144 -9.36 40.19 12.13
C PRO C 144 -9.50 41.53 11.42
N SER C 145 -9.70 41.46 10.11
CA SER C 145 -9.85 42.65 9.30
C SER C 145 -11.32 43.00 9.12
N ASP C 146 -11.61 44.31 8.99
CA ASP C 146 -12.96 44.76 8.68
C ASP C 146 -13.44 44.30 7.31
N GLU C 147 -12.53 43.98 6.40
CA GLU C 147 -12.89 43.38 5.12
C GLU C 147 -13.76 42.14 5.29
N GLN C 148 -13.33 41.20 6.14
CA GLN C 148 -14.17 40.03 6.40
C GLN C 148 -15.51 40.45 7.01
N LEU C 149 -15.49 41.44 7.89
CA LEU C 149 -16.75 41.96 8.43
C LEU C 149 -17.70 42.45 7.33
N LYS C 150 -17.18 42.92 6.18
CA LYS C 150 -18.13 43.27 5.12
C LYS C 150 -18.97 42.08 4.67
N SER C 151 -18.48 40.85 4.87
CA SER C 151 -19.19 39.64 4.44
C SER C 151 -19.86 38.92 5.61
N GLY C 152 -19.83 39.50 6.81
CA GLY C 152 -20.59 38.99 7.93
C GLY C 152 -19.96 37.85 8.70
N THR C 153 -18.73 37.46 8.36
CA THR C 153 -17.99 36.45 9.10
C THR C 153 -16.74 37.08 9.67
N ALA C 154 -16.24 36.53 10.77
CA ALA C 154 -15.03 36.99 11.43
C ALA C 154 -14.04 35.84 11.50
N SER C 155 -12.79 36.13 11.16
CA SER C 155 -11.75 35.12 11.20
C SER C 155 -10.48 35.73 11.76
N VAL C 156 -9.76 34.96 12.57
CA VAL C 156 -8.52 35.43 13.17
C VAL C 156 -7.49 34.31 13.09
N VAL C 157 -6.26 34.67 12.71
CA VAL C 157 -5.19 33.69 12.55
C VAL C 157 -4.06 34.03 13.52
N CYS C 158 -3.62 33.01 14.25
CA CYS C 158 -2.46 33.09 15.13
C CYS C 158 -1.36 32.24 14.51
N LEU C 159 -0.18 32.82 14.32
CA LEU C 159 0.89 32.26 13.52
C LEU C 159 2.07 31.98 14.42
N LEU C 160 2.64 30.79 14.29
CA LEU C 160 3.84 30.40 15.02
C LEU C 160 4.91 30.14 13.96
N ASN C 161 6.12 30.69 14.15
CA ASN C 161 7.13 30.66 13.09
C ASN C 161 8.44 30.05 13.57
N ASN C 162 9.06 29.20 12.73
CA ASN C 162 10.43 28.72 12.94
C ASN C 162 10.63 28.03 14.29
N PHE C 163 9.90 26.92 14.49
CA PHE C 163 9.95 26.14 15.72
C PHE C 163 10.37 24.72 15.40
N TYR C 164 10.75 24.00 16.46
CA TYR C 164 11.08 22.58 16.38
C TYR C 164 11.14 22.03 17.80
N PRO C 165 10.64 20.82 18.07
CA PRO C 165 9.98 19.74 17.28
C PRO C 165 8.53 20.02 16.88
N ARG C 166 7.98 19.13 16.04
CA ARG C 166 6.67 19.35 15.43
C ARG C 166 5.58 19.67 16.46
N GLU C 167 5.48 18.85 17.50
CA GLU C 167 4.48 19.08 18.55
C GLU C 167 4.56 20.49 19.11
N ALA C 168 3.39 21.10 19.27
CA ALA C 168 3.25 22.41 19.85
C ALA C 168 1.78 22.60 20.19
N LYS C 169 1.46 23.70 20.85
CA LYS C 169 0.11 23.88 21.37
C LYS C 169 -0.28 25.35 21.31
N VAL C 170 -1.54 25.57 20.95
CA VAL C 170 -2.13 26.90 20.74
C VAL C 170 -3.46 26.93 21.45
N GLN C 171 -3.70 27.99 22.24
CA GLN C 171 -5.00 28.19 22.87
C GLN C 171 -5.45 29.63 22.74
N TRP C 172 -6.73 29.81 22.41
CA TRP C 172 -7.32 31.14 22.39
C TRP C 172 -7.77 31.54 23.79
N LYS C 173 -7.64 32.83 24.12
CA LYS C 173 -8.24 33.42 25.31
C LYS C 173 -9.02 34.69 24.96
N VAL C 174 -10.33 34.61 25.17
CA VAL C 174 -11.26 35.74 25.09
C VAL C 174 -12.06 35.72 26.40
N ASP C 175 -11.77 36.66 27.29
CA ASP C 175 -12.23 36.63 28.69
C ASP C 175 -11.78 35.35 29.38
N ASN C 176 -10.55 34.92 29.07
CA ASN C 176 -9.91 33.75 29.66
C ASN C 176 -10.59 32.44 29.24
N ALA C 177 -11.57 32.50 28.34
CA ALA C 177 -12.30 31.31 27.88
C ALA C 177 -11.48 30.61 26.81
N LEU C 178 -11.14 29.35 27.03
CA LEU C 178 -10.38 28.58 26.06
C LEU C 178 -11.36 27.95 25.08
N GLN C 179 -11.20 28.29 23.80
CA GLN C 179 -12.09 27.86 22.72
C GLN C 179 -11.44 26.72 21.97
N SER C 180 -12.15 25.59 21.91
CA SER C 180 -11.65 24.37 21.28
C SER C 180 -12.75 23.79 20.40
N GLY C 181 -12.34 23.19 19.28
CA GLY C 181 -13.28 22.72 18.29
C GLY C 181 -13.85 23.79 17.38
N ASN C 182 -13.34 25.02 17.46
CA ASN C 182 -13.84 26.14 16.68
C ASN C 182 -12.76 26.78 15.80
N SER C 183 -11.56 26.21 15.74
CA SER C 183 -10.45 26.82 15.02
C SER C 183 -9.56 25.73 14.45
N GLN C 184 -9.18 25.88 13.18
CA GLN C 184 -8.42 24.86 12.46
C GLN C 184 -6.96 25.29 12.35
N GLU C 185 -6.06 24.42 12.81
CA GLU C 185 -4.62 24.67 12.79
C GLU C 185 -3.96 23.81 11.72
N SER C 186 -3.09 24.43 10.92
CA SER C 186 -2.32 23.73 9.90
C SER C 186 -0.83 24.00 10.10
N VAL C 187 -0.03 22.97 9.81
CA VAL C 187 1.43 23.03 9.89
C VAL C 187 2.00 22.70 8.52
N THR C 188 2.86 23.57 8.00
CA THR C 188 3.65 23.25 6.82
C THR C 188 4.69 22.17 7.13
N GLU C 189 5.08 21.46 6.08
CA GLU C 189 6.13 20.46 6.13
C GLU C 189 7.49 21.15 6.15
N GLN C 190 8.49 20.46 6.69
CA GLN C 190 9.81 21.03 6.97
C GLN C 190 10.42 21.65 5.74
N ASP C 191 10.65 22.96 5.78
CA ASP C 191 11.28 23.62 4.65
C ASP C 191 12.72 23.14 4.53
N SER C 192 13.25 23.22 3.30
CA SER C 192 14.62 22.77 3.06
C SER C 192 15.65 23.63 3.80
N LYS C 193 15.49 24.96 3.73
CA LYS C 193 16.60 25.86 4.04
C LYS C 193 17.07 25.71 5.49
N ASP C 194 16.19 25.99 6.44
CA ASP C 194 16.54 25.99 7.87
C ASP C 194 16.00 24.77 8.62
N SER C 195 15.42 23.79 7.93
CA SER C 195 14.87 22.60 8.56
C SER C 195 13.80 22.91 9.62
N THR C 196 13.12 24.06 9.53
CA THR C 196 12.17 24.48 10.56
C THR C 196 10.74 24.19 10.12
N TYR C 197 9.79 24.54 10.98
CA TYR C 197 8.36 24.45 10.74
C TYR C 197 7.68 25.80 10.94
N SER C 198 6.48 25.89 10.37
CA SER C 198 5.58 26.99 10.66
C SER C 198 4.19 26.41 10.93
N LEU C 199 3.44 27.09 11.78
CA LEU C 199 2.10 26.71 12.18
C LEU C 199 1.22 27.94 12.10
N SER C 200 -0.07 27.73 11.88
CA SER C 200 -0.99 28.84 11.94
C SER C 200 -2.38 28.27 12.08
N SER C 201 -3.18 28.91 12.93
CA SER C 201 -4.52 28.42 13.23
C SER C 201 -5.50 29.55 13.08
N THR C 202 -6.55 29.27 12.31
CA THR C 202 -7.58 30.21 11.92
C THR C 202 -8.85 29.85 12.69
N LEU C 203 -9.30 30.75 13.57
CA LEU C 203 -10.60 30.61 14.18
C LEU C 203 -11.61 31.27 13.26
N THR C 204 -12.73 30.57 13.06
CA THR C 204 -13.91 31.03 12.33
C THR C 204 -15.02 31.35 13.32
N LEU C 205 -15.58 32.55 13.23
CA LEU C 205 -16.55 33.02 14.21
C LEU C 205 -17.68 33.79 13.54
N SER C 206 -18.89 33.49 13.97
CA SER C 206 -20.07 34.28 13.63
C SER C 206 -19.88 35.71 14.10
N LYS C 207 -20.38 36.65 13.30
CA LYS C 207 -20.24 38.08 13.60
C LYS C 207 -20.66 38.38 15.03
N ALA C 208 -21.75 37.76 15.50
CA ALA C 208 -22.24 37.99 16.85
C ALA C 208 -21.18 37.65 17.86
N ASP C 209 -20.50 36.53 17.68
CA ASP C 209 -19.36 36.20 18.52
C ASP C 209 -18.18 37.17 18.31
N TYR C 210 -18.09 37.85 17.17
CA TYR C 210 -17.08 38.91 17.06
C TYR C 210 -17.41 40.09 17.98
N GLU C 211 -18.66 40.59 17.98
CA GLU C 211 -18.90 41.80 18.78
C GLU C 211 -18.80 41.54 20.27
N LYS C 212 -19.07 40.31 20.73
CA LYS C 212 -19.30 40.06 22.16
C LYS C 212 -18.10 40.37 23.05
N HIS C 213 -16.93 40.69 22.49
CA HIS C 213 -15.76 41.03 23.29
C HIS C 213 -14.73 41.71 22.40
N LYS C 214 -13.76 42.33 23.06
CA LYS C 214 -12.87 43.34 22.48
C LYS C 214 -11.40 42.96 22.65
N VAL C 215 -11.04 42.19 23.67
CA VAL C 215 -9.69 41.66 23.83
C VAL C 215 -9.68 40.25 23.27
N TYR C 216 -8.75 40.01 22.34
CA TYR C 216 -8.55 38.70 21.72
C TYR C 216 -7.08 38.36 21.84
N ALA C 217 -6.78 37.15 22.34
CA ALA C 217 -5.38 36.80 22.57
C ALA C 217 -5.15 35.33 22.28
N CYS C 218 -3.89 35.01 21.94
CA CYS C 218 -3.47 33.67 21.59
C CYS C 218 -2.28 33.30 22.47
N GLU C 219 -2.29 32.05 22.95
CA GLU C 219 -1.28 31.51 23.83
C GLU C 219 -0.55 30.39 23.11
N VAL C 220 0.77 30.37 23.28
CA VAL C 220 1.66 29.39 22.67
C VAL C 220 2.36 28.64 23.79
N THR C 221 2.43 27.31 23.64
CA THR C 221 3.18 26.47 24.57
C THR C 221 3.89 25.39 23.77
N HIS C 222 5.21 25.35 23.93
CA HIS C 222 6.12 24.61 23.07
C HIS C 222 7.39 24.32 23.86
N GLN C 223 8.12 23.29 23.44
CA GLN C 223 9.33 22.89 24.15
C GLN C 223 10.39 23.98 24.13
N GLY C 224 10.41 24.80 23.10
CA GLY C 224 11.39 25.86 22.95
C GLY C 224 11.14 27.09 23.80
N LEU C 225 10.06 27.11 24.58
CA LEU C 225 9.64 28.29 25.33
C LEU C 225 9.69 27.98 26.82
N SER C 226 10.42 28.81 27.57
CA SER C 226 10.51 28.63 29.01
C SER C 226 9.14 28.78 29.67
N SER C 227 8.37 29.76 29.22
CA SER C 227 7.05 30.07 29.73
C SER C 227 6.09 30.20 28.56
N PRO C 228 4.78 30.02 28.78
CA PRO C 228 3.82 30.26 27.70
C PRO C 228 3.94 31.68 27.15
N VAL C 229 3.82 31.80 25.84
CA VAL C 229 4.07 33.06 25.13
C VAL C 229 2.74 33.58 24.60
N THR C 230 2.36 34.78 25.01
CA THR C 230 1.07 35.36 24.66
C THR C 230 1.26 36.48 23.66
N LYS C 231 0.51 36.41 22.57
CA LYS C 231 0.37 37.50 21.60
C LYS C 231 -1.09 37.93 21.58
N SER C 232 -1.35 39.22 21.75
CA SER C 232 -2.74 39.64 21.95
C SER C 232 -2.97 41.02 21.37
N PHE C 233 -4.25 41.40 21.34
CA PHE C 233 -4.66 42.73 20.95
C PHE C 233 -6.00 43.04 21.61
N ASN C 234 -6.34 44.33 21.63
CA ASN C 234 -7.58 44.83 22.22
C ASN C 234 -8.26 45.68 21.14
N ARG C 235 -9.17 45.05 20.41
CA ARG C 235 -10.03 45.76 19.46
C ARG C 235 -11.23 44.88 19.15
N GLY C 236 -12.29 45.53 18.68
CA GLY C 236 -13.52 44.82 18.34
C GLY C 236 -14.68 45.76 18.06
C1 NAG D . -28.31 -27.88 3.53
C2 NAG D . -28.09 -29.28 4.09
C3 NAG D . -28.20 -29.25 5.61
C4 NAG D . -27.32 -28.15 6.20
C5 NAG D . -27.49 -26.82 5.47
C6 NAG D . -26.48 -25.78 5.88
C7 NAG D . -28.72 -31.24 2.75
C8 NAG D . -29.87 -32.08 2.27
N2 NAG D . -29.05 -30.21 3.54
O3 NAG D . -27.81 -30.51 6.15
O4 NAG D . -27.50 -27.93 7.61
O5 NAG D . -27.34 -27.01 4.06
O6 NAG D . -25.84 -26.14 7.10
O7 NAG D . -27.56 -31.50 2.45
H2 NAG D . -27.17 -29.56 3.87
H3 NAG D . -29.15 -29.11 5.80
H4 NAG D . -26.39 -28.43 6.07
H5 NAG D . -28.40 -26.48 5.65
H61 NAG D . -26.93 -24.92 6.00
H62 NAG D . -25.81 -25.69 5.18
H81 NAG D . -29.53 -32.85 1.76
H82 NAG D . -30.44 -31.55 1.69
H83 NAG D . -30.39 -32.40 3.03
HN2 NAG D . -29.94 -30.07 3.71
C1 NAG D . -28.80 -27.98 8.28
C2 NAG D . -28.80 -27.02 9.48
C3 NAG D . -30.02 -27.28 10.36
C4 NAG D . -31.30 -27.35 9.55
C5 NAG D . -31.12 -28.26 8.32
C6 NAG D . -32.32 -28.25 7.40
C7 NAG D . -27.22 -26.27 11.19
C8 NAG D . -25.92 -26.53 11.89
N2 NAG D . -27.56 -27.13 10.24
O3 NAG D . -30.13 -26.24 11.33
O4 NAG D . -32.36 -27.90 10.32
O5 NAG D . -29.99 -27.82 7.56
O6 NAG D . -33.39 -29.01 7.96
O7 NAG D . -27.94 -25.32 11.50
H2 NAG D . -28.87 -26.11 9.13
H3 NAG D . -29.89 -28.14 10.83
H4 NAG D . -31.53 -26.46 9.21
H5 NAG D . -30.95 -29.17 8.64
H61 NAG D . -32.06 -28.65 6.55
H62 NAG D . -32.61 -27.34 7.26
H81 NAG D . -25.79 -25.88 12.59
H82 NAG D . -25.19 -26.46 11.24
H83 NAG D . -25.93 -27.43 12.26
HN2 NAG D . -27.00 -27.82 10.04
C1 BMA D . -32.95 -27.02 11.32
C2 BMA D . -32.68 -27.63 12.73
C3 BMA D . -33.09 -26.64 13.84
C4 BMA D . -32.67 -25.21 13.53
C5 BMA D . -33.23 -24.82 12.17
C6 BMA D . -32.96 -23.39 11.77
O2 BMA D . -31.31 -27.91 12.92
O3 BMA D . -32.55 -27.03 15.10
O4 BMA D . -33.15 -24.32 14.52
O5 BMA D . -32.59 -25.66 11.22
O6 BMA D . -31.58 -23.26 11.44
H2 BMA D . -33.28 -28.55 12.84
H3 BMA D . -34.18 -26.65 13.97
H4 BMA D . -31.57 -25.18 13.46
H5 BMA D . -34.32 -24.99 12.15
H61 BMA D . -33.24 -22.73 12.62
H62 BMA D . -33.61 -23.14 10.92
C1 NAG E . -3.33 -24.84 7.93
C2 NAG E . -4.66 -24.70 7.20
C3 NAG E . -5.15 -23.25 7.25
C4 NAG E . -5.18 -22.76 8.68
C5 NAG E . -3.82 -22.96 9.35
C6 NAG E . -3.83 -22.60 10.82
C7 NAG E . -5.61 -25.47 5.08
C8 NAG E . -5.32 -25.91 3.68
N2 NAG E . -4.56 -25.16 5.84
O3 NAG E . -6.46 -23.17 6.69
O4 NAG E . -5.50 -21.37 8.70
O5 NAG E . -3.46 -24.35 9.26
O6 NAG E . -4.13 -23.74 11.62
O7 NAG E . -6.76 -25.38 5.51
H2 NAG E . -5.32 -25.26 7.67
H3 NAG E . -4.54 -22.71 6.73
H4 NAG E . -5.86 -23.25 9.18
H5 NAG E . -3.16 -22.42 8.89
H61 NAG E . -4.50 -21.91 10.98
H62 NAG E . -2.95 -22.26 11.06
H81 NAG E . -6.03 -26.52 3.37
H82 NAG E . -4.46 -26.36 3.65
H83 NAG E . -5.29 -25.13 3.09
HN2 NAG E . -3.72 -25.23 5.46
C1 NAG E . -6.82 -21.25 9.28
C2 NAG E . -7.13 -19.81 9.65
C3 NAG E . -8.54 -19.73 10.24
C4 NAG E . -9.56 -20.38 9.31
C5 NAG E . -9.10 -21.78 8.90
C6 NAG E . -9.97 -22.38 7.83
C7 NAG E . -4.88 -19.05 10.28
C8 NAG E . -4.02 -18.50 11.37
N2 NAG E . -6.16 -19.29 10.60
O3 NAG E . -8.88 -18.35 10.43
O4 NAG E . -10.80 -20.50 9.98
O5 NAG E . -7.77 -21.72 8.37
O6 NAG E . -11.27 -22.67 8.31
O7 NAG E . -4.44 -19.28 9.16
H2 NAG E . -7.10 -19.27 8.85
H3 NAG E . -8.55 -20.18 11.10
H4 NAG E . -9.68 -19.84 8.51
H5 NAG E . -9.10 -22.36 9.68
H61 NAG E . -9.56 -23.20 7.51
H62 NAG E . -10.04 -21.75 7.07
H81 NAG E . -3.11 -18.38 11.05
H82 NAG E . -4.01 -19.12 12.13
H83 NAG E . -4.37 -17.64 11.68
HN2 NAG E . -6.44 -19.10 11.45
C1 BMA E . -11.70 -19.49 9.52
C2 BMA E . -13.04 -20.16 9.19
C3 BMA E . -14.14 -19.14 8.93
C4 BMA E . -14.10 -17.97 9.96
C5 BMA E . -12.67 -17.40 9.98
C6 BMA E . -12.49 -16.17 10.87
O2 BMA E . -13.47 -20.96 10.27
O3 BMA E . -15.41 -19.80 8.94
O4 BMA E . -15.02 -16.97 9.57
O5 BMA E . -11.83 -18.43 10.45
O6 BMA E . -12.36 -16.58 12.26
H2 BMA E . -12.90 -20.77 8.29
H3 BMA E . -14.00 -18.70 7.94
H4 BMA E . -14.32 -18.38 10.95
H5 BMA E . -12.39 -17.12 8.95
H61 BMA E . -13.37 -15.52 10.74
H62 BMA E . -11.65 -15.63 10.48
C1 MAN E . -16.44 -19.16 8.15
C2 MAN E . -17.74 -19.95 8.32
C3 MAN E . -18.60 -19.79 7.08
C4 MAN E . -18.46 -18.39 6.49
C5 MAN E . -17.01 -18.14 6.05
C6 MAN E . -16.56 -16.70 6.26
O2 MAN E . -18.54 -19.43 9.38
O3 MAN E . -19.97 -20.06 7.37
O4 MAN E . -19.33 -18.27 5.37
O5 MAN E . -16.11 -18.99 6.80
O6 MAN E . -15.20 -16.59 5.88
H2 MAN E . -17.48 -21.00 8.47
H3 MAN E . -18.28 -20.52 6.33
H4 MAN E . -18.72 -17.66 7.27
H5 MAN E . -16.92 -18.37 4.98
H61 MAN E . -16.70 -16.44 7.32
H62 MAN E . -17.21 -16.06 5.66
C1 NAG E . -18.55 -20.29 10.54
C2 NAG E . -19.47 -21.49 10.35
C3 NAG E . -19.58 -22.27 11.66
C4 NAG E . -18.20 -22.61 12.20
C5 NAG E . -17.32 -21.36 12.27
C6 NAG E . -15.90 -21.66 12.67
C7 NAG E . -21.66 -21.93 9.32
C8 NAG E . -22.97 -21.34 8.89
N2 NAG E . -20.78 -21.09 9.88
O3 NAG E . -20.33 -23.46 11.46
O4 NAG E . -18.30 -23.17 13.50
O5 NAG E . -17.28 -20.72 10.98
O6 NAG E . -15.83 -22.13 14.01
O7 NAG E . -21.40 -23.12 9.17
H2 NAG E . -19.08 -22.09 9.69
H3 NAG E . -20.05 -21.72 12.32
H4 NAG E . -17.78 -23.26 11.61
H5 NAG E . -17.71 -20.73 12.92
H61 NAG E . -15.36 -20.85 12.58
H62 NAG E . -15.54 -22.34 12.07
H81 NAG E . -23.55 -22.05 8.58
H82 NAG E . -22.80 -20.69 8.17
H83 NAG E . -23.37 -20.88 9.64
HN2 NAG E . -21.03 -20.20 9.97
C1 MAN E . -11.03 -16.61 12.81
C2 MAN E . -11.12 -16.50 14.34
C3 MAN E . -11.54 -15.08 14.66
C4 MAN E . -10.51 -14.08 14.10
C5 MAN E . -10.34 -14.29 12.59
C6 MAN E . -9.17 -13.52 12.03
O2 MAN E . -9.80 -16.67 14.94
O3 MAN E . -11.73 -14.88 16.05
O4 MAN E . -10.95 -12.75 14.33
O5 MAN E . -10.10 -15.69 12.29
O6 MAN E . -8.16 -14.44 11.65
H2 MAN E . -11.86 -17.22 14.70
H3 MAN E . -12.50 -14.88 14.19
H4 MAN E . -9.54 -14.25 14.58
H5 MAN E . -11.25 -13.94 12.08
H61 MAN E . -8.80 -12.82 12.80
H62 MAN E . -9.53 -12.92 11.18
C1 NAG E . -9.73 -17.23 16.27
C2 NAG E . -9.11 -16.21 17.23
C3 NAG E . -8.85 -16.85 18.59
C4 NAG E . -10.12 -17.50 19.12
C5 NAG E . -10.69 -18.46 18.08
C6 NAG E . -12.01 -19.08 18.50
C7 NAG E . -7.48 -14.39 16.95
C8 NAG E . -6.20 -13.97 16.29
N2 NAG E . -7.90 -15.64 16.68
O3 NAG E . -8.39 -15.86 19.50
O4 NAG E . -9.84 -18.20 20.32
O5 NAG E . -10.92 -17.78 16.85
O6 NAG E . -13.03 -18.11 18.61
O7 NAG E . -8.12 -13.64 17.69
H2 NAG E . -9.76 -15.49 17.37
H3 NAG E . -8.16 -17.54 18.48
H4 NAG E . -10.78 -16.81 19.30
H5 NAG E . -10.04 -19.18 17.93
H61 NAG E . -11.89 -19.52 19.37
H62 NAG E . -12.27 -19.76 17.84
H81 NAG E . -6.00 -13.05 16.55
H82 NAG E . -6.30 -14.02 15.32
H83 NAG E . -5.48 -14.56 16.58
HN2 NAG E . -7.39 -16.15 16.12
#